data_3IPD
#
_entry.id   3IPD
#
_cell.length_a   109.852
_cell.length_b   215.680
_cell.length_c   262.810
_cell.angle_alpha   90.00
_cell.angle_beta   90.00
_cell.angle_gamma   90.00
#
_symmetry.space_group_name_H-M   'I 21 21 21'
#
loop_
_entity.id
_entity.type
_entity.pdbx_description
1 polymer 'Vesicle-associated membrane protein 2'
2 polymer Syntaxin-1A
3 polymer 'Synaptosomal-associated protein 25'
4 polymer 'Synaptosomal-associated protein 25'
#
loop_
_entity_poly.entity_id
_entity_poly.type
_entity_poly.pdbx_seq_one_letter_code
_entity_poly.pdbx_strand_id
1 'polypeptide(L)'
;GSHMRRLQQTQAQVDEVVDIMRVNVDKVLERDQKLSELDDRADALQAGASQFETSAAKLKRKYWWKNLKMMIILGVICAI
ILIIIIVYFST
;
A,E
2 'polypeptide(L)'
;GSHMDSSISKQALSEIETRHSEIIKLENSIRELHDMFMDMAMLVESQGEMIDRIEYNVEHAVDYVERAVSDTKKAVKYQS
KARRKKIMIIICCVILGIIIASTIGGIFG
;
B,F
3 'polypeptide(L)' GSHMRNELEEMQRRADQLADESLESTRRMLQLVEESKDAGIRTLVMLDEQGEQLDRVEEGMNHINQDMKEAEKNLKDLGK C,G
4 'polypeptide(L)' GSHMARENEMDENLEQVSGIIGNLRHMALDMGNEIDTQNRQIDRIMEKADSNKTRIDEANQRATKMLG D,H
#
# COMPACT_ATOMS: atom_id res chain seq x y z
N GLY A 1 7.48 20.06 -15.12
CA GLY A 1 8.37 19.00 -15.58
C GLY A 1 8.53 17.90 -14.55
N SER A 2 9.72 17.85 -13.92
CA SER A 2 10.05 16.82 -12.93
C SER A 2 9.41 17.09 -11.57
N HIS A 3 8.56 18.10 -11.51
CA HIS A 3 7.79 18.38 -10.30
C HIS A 3 6.33 17.96 -10.49
N MET A 4 5.99 17.64 -11.74
CA MET A 4 4.66 17.12 -12.06
C MET A 4 4.63 15.59 -11.90
N ARG A 5 5.76 15.03 -11.46
CA ARG A 5 5.82 13.62 -11.12
C ARG A 5 5.58 13.45 -9.63
N ARG A 6 6.14 14.36 -8.85
CA ARG A 6 5.94 14.35 -7.41
C ARG A 6 4.45 14.32 -7.11
N LEU A 7 3.69 15.17 -7.80
CA LEU A 7 2.25 15.26 -7.60
C LEU A 7 1.55 13.93 -7.86
N GLN A 8 1.92 13.26 -8.93
CA GLN A 8 1.29 12.00 -9.32
C GLN A 8 1.40 10.97 -8.22
N GLN A 9 2.62 10.76 -7.74
CA GLN A 9 2.88 9.72 -6.75
C GLN A 9 2.67 10.18 -5.31
N THR A 10 2.98 11.43 -5.02
CA THR A 10 2.79 11.95 -3.65
C THR A 10 1.31 11.98 -3.29
N GLN A 11 0.46 11.94 -4.31
CA GLN A 11 -0.99 11.90 -4.09
C GLN A 11 -1.46 10.46 -3.80
N ALA A 12 -1.20 9.54 -4.71
CA ALA A 12 -1.61 8.15 -4.53
C ALA A 12 -1.16 7.63 -3.17
N GLN A 13 -0.03 8.13 -2.69
CA GLN A 13 0.49 7.78 -1.37
C GLN A 13 -0.55 8.12 -0.31
N VAL A 14 -0.95 9.38 -0.27
CA VAL A 14 -1.98 9.85 0.65
C VAL A 14 -3.29 9.07 0.48
N ASP A 15 -3.66 8.83 -0.77
CA ASP A 15 -4.83 8.00 -1.06
C ASP A 15 -4.70 6.69 -0.31
N GLU A 16 -3.56 6.04 -0.50
CA GLU A 16 -3.29 4.78 0.18
C GLU A 16 -3.46 4.95 1.69
N VAL A 17 -2.87 6.00 2.25
CA VAL A 17 -2.92 6.22 3.70
C VAL A 17 -4.36 6.32 4.19
N VAL A 18 -5.10 7.30 3.67
CA VAL A 18 -6.47 7.51 4.11
C VAL A 18 -7.37 6.30 3.82
N ASP A 19 -7.11 5.63 2.70
CA ASP A 19 -7.84 4.41 2.38
C ASP A 19 -7.66 3.39 3.49
N ILE A 20 -6.42 3.25 3.96
CA ILE A 20 -6.10 2.37 5.07
C ILE A 20 -6.72 2.87 6.37
N MET A 21 -6.47 4.13 6.71
CA MET A 21 -7.01 4.72 7.93
C MET A 21 -8.54 4.63 7.96
N ARG A 22 -9.15 4.39 6.80
CA ARG A 22 -10.58 4.18 6.73
C ARG A 22 -10.97 2.85 7.37
N VAL A 23 -10.29 1.79 6.98
CA VAL A 23 -10.54 0.47 7.54
C VAL A 23 -10.06 0.38 8.98
N ASN A 24 -9.07 1.19 9.32
CA ASN A 24 -8.59 1.27 10.70
C ASN A 24 -9.66 1.79 11.64
N VAL A 25 -10.41 2.80 11.19
CA VAL A 25 -11.50 3.35 11.98
C VAL A 25 -12.59 2.32 12.22
N ASP A 26 -12.86 1.49 11.22
CA ASP A 26 -13.87 0.43 11.34
C ASP A 26 -13.43 -0.65 12.33
N LYS A 27 -12.14 -0.70 12.63
CA LYS A 27 -11.61 -1.62 13.63
C LYS A 27 -11.69 -1.01 15.03
N VAL A 28 -11.39 0.28 15.13
CA VAL A 28 -11.48 1.00 16.40
C VAL A 28 -12.94 1.04 16.89
N LEU A 29 -13.87 0.75 15.98
CA LEU A 29 -15.29 0.69 16.31
C LEU A 29 -15.70 -0.69 16.83
N GLU A 30 -15.13 -1.74 16.26
CA GLU A 30 -15.32 -3.08 16.81
C GLU A 30 -14.67 -3.13 18.19
N ARG A 31 -13.62 -2.35 18.36
CA ARG A 31 -12.96 -2.22 19.67
C ARG A 31 -13.96 -1.65 20.66
N ASP A 32 -14.67 -0.60 20.26
CA ASP A 32 -15.70 -0.03 21.13
C ASP A 32 -16.67 -1.11 21.60
N GLN A 33 -17.36 -1.75 20.65
CA GLN A 33 -18.41 -2.72 20.97
C GLN A 33 -17.90 -3.93 21.76
N LYS A 34 -16.69 -4.37 21.47
CA LYS A 34 -16.11 -5.49 22.19
C LYS A 34 -15.65 -5.08 23.59
N LEU A 35 -15.29 -3.80 23.73
CA LEU A 35 -14.79 -3.29 25.02
C LEU A 35 -15.93 -2.87 25.94
N SER A 36 -16.73 -1.91 25.50
CA SER A 36 -17.86 -1.45 26.30
C SER A 36 -18.68 -2.63 26.80
N GLU A 37 -18.69 -3.72 26.03
CA GLU A 37 -19.43 -4.91 26.43
C GLU A 37 -18.69 -5.73 27.47
N LEU A 38 -17.39 -5.86 27.29
CA LEU A 38 -16.55 -6.53 28.29
C LEU A 38 -16.64 -5.80 29.63
N ASP A 39 -16.78 -4.47 29.56
CA ASP A 39 -16.90 -3.63 30.77
C ASP A 39 -18.20 -3.93 31.52
N ASP A 40 -19.21 -4.40 30.79
CA ASP A 40 -20.48 -4.78 31.39
C ASP A 40 -20.34 -6.09 32.15
N ARG A 41 -19.31 -6.85 31.82
CA ARG A 41 -18.98 -8.07 32.56
C ARG A 41 -17.90 -7.82 33.60
N ALA A 42 -17.18 -6.72 33.47
CA ALA A 42 -16.17 -6.34 34.46
C ALA A 42 -16.86 -6.01 35.78
N ASP A 43 -18.03 -5.38 35.66
CA ASP A 43 -18.92 -5.12 36.79
C ASP A 43 -19.65 -6.40 37.19
N ALA A 44 -20.36 -7.00 36.25
CA ALA A 44 -21.16 -8.22 36.49
C ALA A 44 -20.32 -9.42 36.91
N LEU A 45 -19.03 -9.18 37.15
CA LEU A 45 -18.16 -10.22 37.69
C LEU A 45 -17.43 -9.69 38.91
N GLN A 46 -17.48 -8.38 39.11
CA GLN A 46 -17.04 -7.81 40.38
C GLN A 46 -18.20 -7.91 41.37
N ALA A 47 -19.40 -8.17 40.83
CA ALA A 47 -20.60 -8.32 41.66
C ALA A 47 -20.94 -9.80 41.88
N GLY A 48 -20.65 -10.64 40.89
CA GLY A 48 -20.80 -12.08 41.05
C GLY A 48 -19.73 -12.61 41.98
N ALA A 49 -18.62 -11.88 42.07
CA ALA A 49 -17.50 -12.24 42.92
C ALA A 49 -17.67 -11.73 44.35
N SER A 50 -18.07 -10.47 44.49
CA SER A 50 -18.24 -9.88 45.82
C SER A 50 -19.54 -10.32 46.50
N GLN A 51 -20.38 -11.05 45.76
CA GLN A 51 -21.57 -11.67 46.35
C GLN A 51 -21.24 -13.09 46.77
N PHE A 52 -20.28 -13.69 46.08
CA PHE A 52 -19.76 -14.99 46.50
C PHE A 52 -18.69 -14.82 47.58
N GLU A 53 -18.16 -13.61 47.72
CA GLU A 53 -17.24 -13.31 48.82
C GLU A 53 -18.04 -13.16 50.12
N THR A 54 -19.31 -12.80 49.99
CA THR A 54 -20.21 -12.73 51.15
C THR A 54 -20.63 -14.13 51.57
N SER A 55 -21.12 -14.92 50.62
CA SER A 55 -21.47 -16.31 50.87
C SER A 55 -20.28 -17.06 51.48
N ALA A 56 -19.09 -16.75 50.99
CA ALA A 56 -17.87 -17.41 51.46
C ALA A 56 -17.42 -16.89 52.83
N ALA A 57 -17.49 -15.58 53.02
CA ALA A 57 -17.16 -14.98 54.30
C ALA A 57 -17.98 -15.60 55.42
N LYS A 58 -19.29 -15.73 55.19
CA LYS A 58 -20.19 -16.34 56.16
C LYS A 58 -19.96 -17.86 56.29
N LEU A 59 -19.74 -18.52 55.17
CA LEU A 59 -19.50 -19.97 55.19
C LEU A 59 -18.26 -20.31 56.03
N LYS A 60 -17.49 -19.30 56.39
CA LYS A 60 -16.37 -19.46 57.31
C LYS A 60 -16.85 -19.31 58.76
N ARG A 61 -17.44 -18.16 59.08
CA ARG A 61 -18.00 -17.96 60.41
C ARG A 61 -18.81 -19.18 60.84
N LYS A 62 -20.00 -19.33 60.26
CA LYS A 62 -20.92 -20.42 60.63
C LYS A 62 -20.19 -21.75 60.86
N TYR A 63 -19.35 -22.12 59.91
CA TYR A 63 -18.47 -23.26 60.06
C TYR A 63 -17.67 -23.17 61.37
N TRP A 64 -17.00 -22.04 61.56
CA TRP A 64 -16.06 -21.81 62.66
C TRP A 64 -16.63 -22.12 64.04
N TRP A 65 -17.82 -21.61 64.32
CA TRP A 65 -18.43 -21.72 65.64
C TRP A 65 -18.72 -23.16 66.03
N LYS A 66 -19.13 -23.98 65.06
CA LYS A 66 -19.41 -25.37 65.34
C LYS A 66 -18.17 -26.11 65.83
N ASN A 67 -17.01 -25.45 65.76
CA ASN A 67 -15.79 -26.00 66.34
C ASN A 67 -15.65 -25.55 67.79
N LEU A 68 -16.11 -24.34 68.07
CA LEU A 68 -16.15 -23.83 69.43
C LEU A 68 -17.19 -24.60 70.23
N LYS A 69 -18.40 -24.72 69.68
CA LYS A 69 -19.46 -25.51 70.31
C LYS A 69 -18.91 -26.85 70.75
N MET A 70 -18.33 -27.57 69.80
CA MET A 70 -17.86 -28.91 70.06
C MET A 70 -16.55 -28.94 70.86
N MET A 71 -16.18 -27.81 71.46
CA MET A 71 -15.10 -27.81 72.45
C MET A 71 -15.62 -27.18 73.73
N ILE A 72 -16.85 -26.69 73.67
CA ILE A 72 -17.59 -26.31 74.86
C ILE A 72 -18.42 -27.51 75.30
N ILE A 73 -19.00 -28.20 74.32
CA ILE A 73 -19.83 -29.37 74.59
C ILE A 73 -18.96 -30.60 74.84
N LEU A 74 -17.66 -30.44 74.66
CA LEU A 74 -16.71 -31.48 75.05
C LEU A 74 -16.08 -31.07 76.37
N GLY A 75 -16.32 -29.82 76.75
CA GLY A 75 -15.90 -29.32 78.04
C GLY A 75 -16.88 -29.65 79.14
N VAL A 76 -18.18 -29.42 78.89
CA VAL A 76 -19.20 -29.84 79.85
C VAL A 76 -19.27 -31.35 79.98
N ILE A 77 -19.15 -32.05 78.85
CA ILE A 77 -19.18 -33.49 78.89
C ILE A 77 -17.92 -34.08 79.52
N CYS A 78 -16.81 -33.36 79.45
CA CYS A 78 -15.59 -33.81 80.12
C CYS A 78 -15.62 -33.42 81.60
N ALA A 79 -16.60 -32.61 81.97
CA ALA A 79 -16.77 -32.17 83.35
C ALA A 79 -17.92 -32.90 84.04
N ILE A 80 -18.96 -33.22 83.27
CA ILE A 80 -20.07 -34.01 83.78
C ILE A 80 -19.62 -35.42 84.11
N ILE A 81 -18.77 -36.01 83.28
CA ILE A 81 -18.18 -37.32 83.59
C ILE A 81 -17.25 -37.19 84.79
N LEU A 82 -16.75 -35.97 85.00
CA LEU A 82 -15.83 -35.68 86.09
C LEU A 82 -16.55 -35.67 87.44
N ILE A 83 -17.75 -35.09 87.45
CA ILE A 83 -18.61 -35.00 88.64
C ILE A 83 -19.42 -36.28 88.84
N ILE A 84 -19.91 -36.85 87.74
CA ILE A 84 -20.54 -38.17 87.79
C ILE A 84 -19.50 -39.13 88.30
N ILE A 85 -18.27 -38.65 88.41
CA ILE A 85 -17.18 -39.45 88.94
C ILE A 85 -16.86 -39.12 90.39
N ILE A 86 -16.95 -37.85 90.76
CA ILE A 86 -16.72 -37.49 92.15
C ILE A 86 -17.82 -38.10 93.04
N VAL A 87 -18.88 -38.59 92.40
CA VAL A 87 -20.03 -39.18 93.10
C VAL A 87 -20.02 -40.73 93.20
N TYR A 88 -19.13 -41.39 92.47
CA TYR A 88 -18.93 -42.84 92.61
C TYR A 88 -17.55 -43.12 93.20
N PHE A 89 -16.78 -42.06 93.36
CA PHE A 89 -15.55 -42.09 94.14
C PHE A 89 -15.91 -41.78 95.59
N SER A 90 -17.01 -41.07 95.79
CA SER A 90 -17.43 -40.70 97.15
C SER A 90 -18.44 -41.66 97.83
N THR A 91 -19.61 -41.86 97.25
CA THR A 91 -20.66 -42.74 97.79
C THR A 91 -22.06 -42.17 97.54
N LYS B 10 2.53 32.67 -21.83
CA LYS B 10 1.19 32.11 -21.91
C LYS B 10 1.19 30.62 -21.59
N GLN B 11 2.29 29.94 -21.91
CA GLN B 11 2.40 28.49 -21.71
C GLN B 11 2.92 28.13 -20.33
N ALA B 12 3.66 29.05 -19.71
CA ALA B 12 4.17 28.85 -18.36
C ALA B 12 3.21 29.42 -17.32
N LEU B 13 2.06 29.89 -17.79
CA LEU B 13 1.01 30.42 -16.93
C LEU B 13 -0.15 29.43 -16.85
N SER B 14 -0.09 28.42 -17.70
CA SER B 14 -1.05 27.32 -17.67
C SER B 14 -0.45 26.13 -16.93
N GLU B 15 0.84 26.23 -16.57
CA GLU B 15 1.55 25.19 -15.83
C GLU B 15 1.63 25.53 -14.33
N ILE B 16 1.56 26.82 -14.02
CA ILE B 16 1.48 27.28 -12.64
C ILE B 16 0.01 27.20 -12.19
N GLU B 17 -0.88 27.20 -13.17
CA GLU B 17 -2.32 27.11 -12.94
C GLU B 17 -2.75 25.66 -12.71
N THR B 18 -1.96 24.72 -13.22
CA THR B 18 -2.23 23.30 -13.02
C THR B 18 -1.39 22.71 -11.88
N ARG B 19 -0.27 23.35 -11.56
CA ARG B 19 0.52 22.95 -10.39
C ARG B 19 -0.10 23.44 -9.10
N HIS B 20 -0.49 24.71 -9.09
CA HIS B 20 -1.25 25.28 -7.97
C HIS B 20 -2.57 24.52 -7.85
N SER B 21 -3.16 24.20 -9.00
CA SER B 21 -4.44 23.52 -9.09
C SER B 21 -4.47 22.19 -8.33
N GLU B 22 -3.29 21.62 -8.09
CA GLU B 22 -3.19 20.34 -7.39
C GLU B 22 -2.53 20.44 -6.02
N ILE B 23 -1.75 21.49 -5.81
CA ILE B 23 -1.14 21.72 -4.50
C ILE B 23 -2.22 21.97 -3.44
N ILE B 24 -3.38 22.46 -3.89
CA ILE B 24 -4.53 22.62 -3.00
C ILE B 24 -5.34 21.32 -2.97
N LYS B 25 -5.30 20.56 -4.05
CA LYS B 25 -5.94 19.25 -4.11
C LYS B 25 -5.20 18.27 -3.22
N LEU B 26 -3.97 18.63 -2.86
CA LEU B 26 -3.17 17.82 -1.94
C LEU B 26 -3.29 18.35 -0.52
N GLU B 27 -3.35 19.68 -0.38
CA GLU B 27 -3.49 20.32 0.92
C GLU B 27 -4.85 20.02 1.54
N ASN B 28 -5.88 20.01 0.70
CA ASN B 28 -7.24 19.71 1.15
C ASN B 28 -7.40 18.23 1.45
N SER B 29 -6.50 17.42 0.90
CA SER B 29 -6.48 15.98 1.16
C SER B 29 -5.64 15.65 2.40
N ILE B 30 -4.56 16.41 2.63
CA ILE B 30 -3.71 16.24 3.82
C ILE B 30 -4.46 16.59 5.11
N ARG B 31 -5.30 17.62 5.04
CA ARG B 31 -6.12 17.99 6.18
C ARG B 31 -7.04 16.85 6.56
N GLU B 32 -7.56 16.15 5.55
CA GLU B 32 -8.42 15.01 5.78
C GLU B 32 -7.68 13.90 6.51
N LEU B 33 -6.41 13.72 6.17
CA LEU B 33 -5.58 12.74 6.85
C LEU B 33 -5.08 13.26 8.20
N HIS B 34 -4.93 14.58 8.31
CA HIS B 34 -4.61 15.19 9.59
C HIS B 34 -5.70 14.82 10.58
N ASP B 35 -6.95 15.06 10.18
CA ASP B 35 -8.10 14.77 11.02
C ASP B 35 -8.23 13.29 11.32
N MET B 36 -7.83 12.44 10.39
CA MET B 36 -7.88 10.99 10.60
C MET B 36 -6.96 10.57 11.73
N PHE B 37 -5.89 11.33 11.97
CA PHE B 37 -4.93 11.02 13.03
C PHE B 37 -5.27 11.69 14.36
N MET B 38 -6.03 12.78 14.31
CA MET B 38 -6.53 13.42 15.53
C MET B 38 -7.84 12.75 15.93
N ASP B 39 -8.54 12.19 14.96
CA ASP B 39 -9.75 11.42 15.20
C ASP B 39 -9.35 10.05 15.71
N MET B 40 -8.04 9.82 15.81
CA MET B 40 -7.53 8.54 16.30
C MET B 40 -6.93 8.68 17.70
N ALA B 41 -6.16 9.74 17.93
CA ALA B 41 -5.60 10.02 19.25
C ALA B 41 -6.72 10.38 20.23
N MET B 42 -7.92 10.57 19.68
CA MET B 42 -9.11 10.88 20.46
C MET B 42 -9.80 9.59 20.92
N LEU B 43 -10.29 8.81 19.96
CA LEU B 43 -11.04 7.58 20.24
C LEU B 43 -10.22 6.55 21.02
N VAL B 44 -8.91 6.54 20.81
CA VAL B 44 -8.04 5.62 21.51
C VAL B 44 -7.86 6.06 22.95
N GLU B 45 -7.45 7.32 23.11
CA GLU B 45 -7.20 7.87 24.44
C GLU B 45 -8.50 7.95 25.21
N SER B 46 -9.60 8.19 24.51
CA SER B 46 -10.92 8.23 25.13
C SER B 46 -11.28 6.85 25.66
N GLN B 47 -10.96 5.81 24.88
CA GLN B 47 -11.15 4.44 25.33
C GLN B 47 -10.11 4.05 26.39
N GLY B 48 -9.11 4.92 26.57
CA GLY B 48 -8.09 4.72 27.58
C GLY B 48 -8.63 4.82 28.99
N GLU B 49 -9.66 5.65 29.15
CA GLU B 49 -10.37 5.76 30.42
C GLU B 49 -11.27 4.54 30.61
N MET B 50 -11.69 3.94 29.50
CA MET B 50 -12.61 2.81 29.52
C MET B 50 -11.89 1.49 29.79
N ILE B 51 -10.57 1.50 29.66
CA ILE B 51 -9.77 0.31 29.94
C ILE B 51 -9.33 0.23 31.40
N ASP B 52 -8.91 1.36 31.96
CA ASP B 52 -8.48 1.42 33.36
C ASP B 52 -9.59 0.93 34.28
N ARG B 53 -10.84 1.14 33.86
CA ARG B 53 -11.99 0.68 34.63
C ARG B 53 -12.17 -0.82 34.47
N ILE B 54 -11.71 -1.35 33.35
CA ILE B 54 -11.77 -2.80 33.12
C ILE B 54 -10.55 -3.48 33.74
N GLU B 55 -9.54 -2.69 34.08
CA GLU B 55 -8.39 -3.21 34.80
C GLU B 55 -8.65 -3.13 36.31
N TYR B 56 -9.03 -1.93 36.77
CA TYR B 56 -9.44 -1.71 38.14
C TYR B 56 -10.47 -2.75 38.56
N ASN B 57 -11.54 -2.91 37.78
CA ASN B 57 -12.59 -3.88 38.06
C ASN B 57 -12.09 -5.32 38.09
N VAL B 58 -11.08 -5.61 37.27
CA VAL B 58 -10.53 -6.97 37.21
C VAL B 58 -9.55 -7.25 38.34
N GLU B 59 -8.65 -6.31 38.60
CA GLU B 59 -7.66 -6.49 39.67
C GLU B 59 -8.33 -6.62 41.04
N HIS B 60 -9.53 -6.06 41.16
CA HIS B 60 -10.35 -6.23 42.34
C HIS B 60 -11.13 -7.55 42.26
N ALA B 61 -11.70 -7.83 41.09
CA ALA B 61 -12.41 -9.08 40.88
C ALA B 61 -11.47 -10.29 40.93
N VAL B 62 -10.20 -10.06 40.62
CA VAL B 62 -9.19 -11.09 40.73
C VAL B 62 -8.88 -11.31 42.20
N ASP B 63 -8.82 -10.22 42.95
CA ASP B 63 -8.47 -10.26 44.35
C ASP B 63 -9.62 -10.82 45.19
N TYR B 64 -10.86 -10.49 44.82
CA TYR B 64 -12.04 -10.99 45.52
C TYR B 64 -12.06 -12.53 45.47
N VAL B 65 -11.66 -13.08 44.33
CA VAL B 65 -11.60 -14.54 44.16
C VAL B 65 -10.41 -15.10 44.91
N GLU B 66 -9.35 -14.29 45.04
CA GLU B 66 -8.13 -14.71 45.72
C GLU B 66 -8.42 -14.96 47.20
N ARG B 67 -9.19 -14.07 47.81
CA ARG B 67 -9.62 -14.26 49.19
C ARG B 67 -10.77 -15.28 49.25
N ALA B 68 -11.75 -15.10 48.38
CA ALA B 68 -12.97 -15.92 48.39
C ALA B 68 -12.70 -17.43 48.32
N VAL B 69 -11.50 -17.80 47.88
CA VAL B 69 -11.14 -19.20 47.82
C VAL B 69 -10.33 -19.60 49.05
N SER B 70 -9.53 -18.67 49.57
CA SER B 70 -8.72 -18.93 50.75
C SER B 70 -9.62 -19.21 51.94
N ASP B 71 -10.79 -18.56 51.96
CA ASP B 71 -11.77 -18.79 53.01
C ASP B 71 -12.47 -20.13 52.88
N THR B 72 -12.64 -20.62 51.65
CA THR B 72 -13.22 -21.93 51.42
C THR B 72 -12.31 -23.03 51.97
N LYS B 73 -11.05 -22.67 52.21
CA LYS B 73 -10.08 -23.60 52.77
C LYS B 73 -10.14 -23.64 54.28
N LYS B 74 -10.02 -22.48 54.92
CA LYS B 74 -10.22 -22.38 56.37
C LYS B 74 -11.60 -22.95 56.66
N ALA B 75 -12.46 -22.85 55.66
CA ALA B 75 -13.82 -23.36 55.75
C ALA B 75 -13.97 -24.82 55.32
N VAL B 76 -13.01 -25.65 55.69
CA VAL B 76 -13.14 -27.11 55.59
C VAL B 76 -12.21 -27.71 56.62
N LYS B 77 -11.44 -26.84 57.26
CA LYS B 77 -10.51 -27.24 58.31
C LYS B 77 -11.27 -27.60 59.58
N TYR B 78 -12.06 -26.64 60.05
CA TYR B 78 -12.75 -26.75 61.33
C TYR B 78 -13.85 -27.82 61.35
N GLN B 79 -14.09 -28.47 60.21
CA GLN B 79 -15.13 -29.48 60.07
C GLN B 79 -14.66 -30.80 60.64
N SER B 80 -13.51 -31.25 60.14
CA SER B 80 -12.84 -32.39 60.71
C SER B 80 -12.48 -32.08 62.16
N LYS B 81 -12.21 -30.81 62.47
CA LYS B 81 -11.90 -30.40 63.83
C LYS B 81 -13.14 -30.31 64.71
N ALA B 82 -14.28 -30.02 64.10
CA ALA B 82 -15.55 -30.05 64.81
C ALA B 82 -16.03 -31.48 64.90
N ARG B 83 -16.15 -32.12 63.74
CA ARG B 83 -16.51 -33.53 63.67
C ARG B 83 -15.80 -34.37 64.73
N ARG B 84 -14.49 -34.17 64.87
CA ARG B 84 -13.72 -34.83 65.94
C ARG B 84 -14.31 -34.42 67.28
N LYS B 85 -14.18 -33.15 67.60
CA LYS B 85 -14.66 -32.60 68.86
C LYS B 85 -16.14 -32.87 69.12
N LYS B 86 -16.86 -33.33 68.09
CA LYS B 86 -18.29 -33.60 68.25
C LYS B 86 -18.54 -35.07 68.56
N ILE B 87 -17.77 -35.95 67.92
CA ILE B 87 -17.89 -37.38 68.16
C ILE B 87 -17.05 -37.81 69.37
N MET B 88 -16.10 -36.96 69.77
CA MET B 88 -15.36 -37.16 71.02
C MET B 88 -16.32 -36.91 72.17
N ILE B 89 -17.27 -36.03 71.91
CA ILE B 89 -18.40 -35.81 72.79
C ILE B 89 -19.32 -37.03 72.73
N ILE B 90 -19.75 -37.39 71.52
CA ILE B 90 -20.62 -38.54 71.31
C ILE B 90 -20.01 -39.83 71.87
N ILE B 91 -18.70 -39.81 72.03
CA ILE B 91 -17.98 -40.86 72.74
C ILE B 91 -18.32 -40.76 74.22
N CYS B 92 -18.03 -39.61 74.81
CA CYS B 92 -18.28 -39.38 76.23
C CYS B 92 -19.77 -39.12 76.52
N CYS B 93 -20.63 -39.48 75.57
CA CYS B 93 -22.06 -39.43 75.76
C CYS B 93 -22.55 -40.83 76.06
N VAL B 94 -22.35 -41.72 75.10
CA VAL B 94 -22.61 -43.14 75.30
C VAL B 94 -21.88 -43.58 76.57
N ILE B 95 -20.76 -42.93 76.87
CA ILE B 95 -19.99 -43.19 78.09
C ILE B 95 -20.79 -42.83 79.33
N LEU B 96 -21.51 -41.71 79.28
CA LEU B 96 -22.33 -41.25 80.39
C LEU B 96 -23.62 -42.05 80.55
N GLY B 97 -24.09 -42.65 79.45
CA GLY B 97 -25.33 -43.40 79.46
C GLY B 97 -25.17 -44.79 80.05
N ILE B 98 -23.95 -45.33 79.97
CA ILE B 98 -23.65 -46.64 80.54
C ILE B 98 -22.99 -46.48 81.91
N ILE B 99 -22.67 -45.24 82.28
CA ILE B 99 -22.21 -44.90 83.62
C ILE B 99 -23.40 -44.61 84.53
N ILE B 100 -24.56 -44.40 83.91
CA ILE B 100 -25.81 -44.14 84.63
C ILE B 100 -26.79 -45.30 84.44
N ALA B 101 -26.50 -46.17 83.50
CA ALA B 101 -27.27 -47.40 83.33
C ALA B 101 -26.68 -48.52 84.18
N SER B 102 -25.74 -48.14 85.05
CA SER B 102 -25.13 -49.08 85.99
C SER B 102 -25.51 -48.74 87.43
N THR B 103 -26.16 -47.57 87.60
CA THR B 103 -26.82 -47.25 88.87
C THR B 103 -28.31 -47.59 88.76
N ILE B 104 -28.64 -48.35 87.71
CA ILE B 104 -29.98 -48.91 87.51
C ILE B 104 -29.88 -50.43 87.37
N GLY B 105 -28.66 -50.90 87.06
CA GLY B 105 -28.37 -52.32 86.97
C GLY B 105 -27.69 -52.79 88.24
N GLY B 106 -27.55 -51.86 89.18
CA GLY B 106 -27.04 -52.16 90.52
C GLY B 106 -27.80 -51.35 91.56
N ILE B 107 -29.10 -51.16 91.32
CA ILE B 107 -30.00 -50.39 92.18
C ILE B 107 -29.52 -48.97 92.48
N ARG C 5 2.97 48.58 -21.61
CA ARG C 5 2.63 47.28 -21.04
C ARG C 5 1.86 47.41 -19.73
N ASN C 6 0.56 47.24 -19.79
CA ASN C 6 -0.29 47.25 -18.59
C ASN C 6 -1.08 45.95 -18.44
N GLU C 7 -1.28 45.26 -19.55
CA GLU C 7 -1.97 43.97 -19.56
C GLU C 7 -0.97 42.84 -19.38
N LEU C 8 0.29 43.12 -19.70
CA LEU C 8 1.38 42.16 -19.54
C LEU C 8 2.06 42.32 -18.18
N GLU C 9 1.49 43.19 -17.35
CA GLU C 9 2.02 43.45 -16.01
C GLU C 9 1.07 42.91 -14.94
N GLU C 10 -0.20 42.81 -15.29
CA GLU C 10 -1.23 42.30 -14.38
C GLU C 10 -1.38 40.79 -14.58
N MET C 11 -0.41 40.20 -15.27
CA MET C 11 -0.41 38.76 -15.54
C MET C 11 0.83 38.08 -14.93
N GLN C 12 1.80 38.89 -14.50
CA GLN C 12 2.97 38.38 -13.79
C GLN C 12 2.87 38.69 -12.30
N ARG C 13 1.85 39.46 -11.94
CA ARG C 13 1.54 39.74 -10.55
C ARG C 13 0.70 38.61 -9.97
N ARG C 14 -0.18 38.06 -10.80
CA ARG C 14 -1.01 36.92 -10.40
C ARG C 14 -0.19 35.64 -10.51
N ALA C 15 0.84 35.68 -11.35
CA ALA C 15 1.77 34.56 -11.52
C ALA C 15 2.68 34.45 -10.32
N ASP C 16 3.12 35.60 -9.80
CA ASP C 16 3.89 35.63 -8.56
C ASP C 16 2.94 35.75 -7.37
N GLN C 17 1.64 35.74 -7.66
CA GLN C 17 0.62 35.74 -6.62
C GLN C 17 0.24 34.31 -6.24
N LEU C 18 0.36 33.40 -7.21
CA LEU C 18 0.10 31.99 -6.97
C LEU C 18 1.32 31.30 -6.36
N ALA C 19 2.44 32.01 -6.31
CA ALA C 19 3.67 31.51 -5.69
C ALA C 19 3.74 31.95 -4.23
N ASP C 20 2.79 32.77 -3.81
CA ASP C 20 2.67 33.21 -2.43
C ASP C 20 1.68 32.32 -1.69
N GLU C 21 0.74 31.77 -2.44
CA GLU C 21 -0.26 30.87 -1.89
C GLU C 21 0.20 29.43 -1.98
N SER C 22 1.13 29.17 -2.91
CA SER C 22 1.76 27.87 -3.06
C SER C 22 2.95 27.75 -2.11
N LEU C 23 3.46 28.89 -1.68
CA LEU C 23 4.55 28.94 -0.72
C LEU C 23 3.97 28.97 0.69
N GLU C 24 2.79 29.58 0.81
CA GLU C 24 2.11 29.67 2.10
C GLU C 24 1.45 28.34 2.44
N SER C 25 0.99 27.63 1.42
CA SER C 25 0.34 26.34 1.62
C SER C 25 1.36 25.22 1.77
N THR C 26 2.59 25.45 1.31
CA THR C 26 3.67 24.48 1.46
C THR C 26 4.18 24.50 2.89
N ARG C 27 3.76 25.52 3.63
CA ARG C 27 4.09 25.63 5.04
C ARG C 27 2.92 25.13 5.88
N ARG C 28 1.71 25.46 5.45
CA ARG C 28 0.50 25.00 6.13
C ARG C 28 0.32 23.49 6.00
N MET C 29 0.85 22.92 4.91
CA MET C 29 0.85 21.48 4.72
C MET C 29 1.92 20.83 5.58
N LEU C 30 3.11 21.42 5.54
CA LEU C 30 4.25 20.91 6.29
C LEU C 30 3.93 20.71 7.77
N GLN C 31 3.08 21.60 8.31
CA GLN C 31 2.71 21.52 9.72
C GLN C 31 1.59 20.52 9.96
N LEU C 32 0.70 20.39 8.98
CA LEU C 32 -0.42 19.43 9.07
C LEU C 32 0.09 18.00 9.11
N VAL C 33 1.33 17.79 8.67
CA VAL C 33 1.93 16.47 8.61
C VAL C 33 2.61 16.11 9.92
N GLU C 34 3.45 17.01 10.40
CA GLU C 34 4.18 16.81 11.64
C GLU C 34 3.22 16.55 12.80
N GLU C 35 2.12 17.28 12.82
CA GLU C 35 1.10 17.10 13.84
C GLU C 35 0.33 15.80 13.64
N SER C 36 0.26 15.34 12.40
CA SER C 36 -0.33 14.04 12.09
C SER C 36 0.66 12.94 12.48
N LYS C 37 1.94 13.27 12.41
CA LYS C 37 2.99 12.35 12.83
C LYS C 37 2.99 12.25 14.34
N ASP C 38 3.12 13.40 15.02
CA ASP C 38 3.13 13.44 16.48
C ASP C 38 1.83 12.90 17.09
N ALA C 39 0.70 13.37 16.57
CA ALA C 39 -0.60 12.89 17.03
C ALA C 39 -0.78 11.43 16.63
N GLY C 40 0.21 10.91 15.91
CA GLY C 40 0.23 9.50 15.55
C GLY C 40 1.14 8.72 16.49
N ILE C 41 2.31 9.27 16.78
CA ILE C 41 3.24 8.63 17.69
C ILE C 41 2.56 8.35 19.03
N ARG C 42 1.86 9.36 19.54
CA ARG C 42 1.16 9.23 20.82
C ARG C 42 0.09 8.13 20.76
N THR C 43 -0.60 8.06 19.63
CA THR C 43 -1.60 7.02 19.39
C THR C 43 -0.94 5.65 19.54
N LEU C 44 0.32 5.57 19.14
CA LEU C 44 1.07 4.32 19.19
C LEU C 44 1.59 4.01 20.59
N VAL C 45 2.23 4.99 21.22
CA VAL C 45 2.79 4.80 22.56
C VAL C 45 1.68 4.37 23.53
N MET C 46 0.46 4.80 23.24
CA MET C 46 -0.70 4.45 24.04
C MET C 46 -1.13 3.01 23.79
N LEU C 47 -1.20 2.62 22.53
CA LEU C 47 -1.55 1.25 22.18
C LEU C 47 -0.61 0.24 22.82
N ASP C 48 0.58 0.70 23.21
CA ASP C 48 1.53 -0.15 23.89
C ASP C 48 1.15 -0.28 25.36
N GLU C 49 1.01 0.86 26.02
CA GLU C 49 0.62 0.88 27.44
C GLU C 49 -0.71 0.17 27.66
N GLN C 50 -1.69 0.49 26.82
CA GLN C 50 -2.95 -0.23 26.82
C GLN C 50 -2.64 -1.70 26.57
N GLY C 51 -1.79 -1.94 25.59
CA GLY C 51 -1.40 -3.29 25.22
C GLY C 51 -0.87 -4.13 26.37
N GLU C 52 -0.21 -3.49 27.33
CA GLU C 52 0.30 -4.18 28.51
C GLU C 52 -0.79 -4.44 29.54
N GLN C 53 -1.65 -3.44 29.73
CA GLN C 53 -2.74 -3.56 30.68
C GLN C 53 -3.66 -4.70 30.31
N LEU C 54 -3.86 -4.91 29.01
CA LEU C 54 -4.72 -5.99 28.51
C LEU C 54 -4.09 -7.35 28.74
N ASP C 55 -2.80 -7.37 29.06
CA ASP C 55 -2.06 -8.61 29.23
C ASP C 55 -2.12 -9.07 30.68
N ARG C 56 -1.99 -8.14 31.62
CA ARG C 56 -2.26 -8.43 33.00
C ARG C 56 -3.71 -8.92 33.10
N VAL C 57 -4.59 -8.23 32.37
CA VAL C 57 -6.01 -8.55 32.40
C VAL C 57 -6.30 -9.98 31.93
N GLU C 58 -5.55 -10.47 30.95
CA GLU C 58 -5.73 -11.84 30.49
C GLU C 58 -5.21 -12.83 31.52
N GLU C 59 -4.05 -12.53 32.10
CA GLU C 59 -3.51 -13.38 33.16
C GLU C 59 -4.56 -13.53 34.25
N GLY C 60 -5.26 -12.45 34.53
CA GLY C 60 -6.29 -12.44 35.55
C GLY C 60 -7.36 -13.48 35.30
N MET C 61 -7.81 -13.60 34.06
CA MET C 61 -8.90 -14.53 33.73
C MET C 61 -8.46 -16.00 33.79
N ASN C 62 -7.18 -16.23 33.61
CA ASN C 62 -6.65 -17.59 33.72
C ASN C 62 -6.33 -17.89 35.18
N HIS C 63 -5.79 -16.89 35.86
CA HIS C 63 -5.55 -16.97 37.29
C HIS C 63 -6.88 -17.25 38.00
N ILE C 64 -7.93 -16.56 37.57
CA ILE C 64 -9.28 -16.74 38.12
C ILE C 64 -9.84 -18.11 37.79
N ASN C 65 -9.91 -18.42 36.49
CA ASN C 65 -10.45 -19.70 36.05
C ASN C 65 -9.69 -20.89 36.63
N GLN C 66 -8.49 -20.64 37.16
CA GLN C 66 -7.72 -21.70 37.79
C GLN C 66 -8.10 -21.84 39.27
N ASP C 67 -8.39 -20.72 39.91
CA ASP C 67 -8.76 -20.71 41.33
C ASP C 67 -10.22 -21.10 41.56
N MET C 68 -11.04 -20.97 40.51
CA MET C 68 -12.43 -21.40 40.57
C MET C 68 -12.50 -22.92 40.56
N LYS C 69 -11.60 -23.54 39.81
CA LYS C 69 -11.52 -25.00 39.75
C LYS C 69 -11.03 -25.56 41.09
N GLU C 70 -10.26 -24.75 41.81
CA GLU C 70 -9.77 -25.14 43.13
C GLU C 70 -10.91 -25.21 44.14
N ALA C 71 -11.84 -24.27 44.06
CA ALA C 71 -12.97 -24.22 44.98
C ALA C 71 -14.04 -25.24 44.58
N GLU C 72 -14.02 -25.66 43.32
CA GLU C 72 -15.00 -26.62 42.83
C GLU C 72 -14.71 -28.00 43.38
N LYS C 73 -13.62 -28.12 44.13
CA LYS C 73 -13.27 -29.34 44.83
C LYS C 73 -13.62 -29.24 46.32
N ASN C 74 -13.32 -28.09 46.91
CA ASN C 74 -13.60 -27.86 48.33
C ASN C 74 -15.10 -27.61 48.59
N LEU C 75 -15.86 -27.48 47.52
CA LEU C 75 -17.31 -27.47 47.60
C LEU C 75 -17.82 -28.91 47.52
N LYS C 76 -17.02 -29.76 46.87
CA LYS C 76 -17.38 -31.16 46.66
C LYS C 76 -17.20 -32.00 47.92
N ASP C 77 -16.04 -31.85 48.58
CA ASP C 77 -15.77 -32.58 49.84
C ASP C 77 -16.81 -32.27 50.91
N LEU C 78 -17.57 -31.19 50.70
CA LEU C 78 -18.62 -30.77 51.61
C LEU C 78 -19.98 -30.93 50.94
N GLY C 79 -20.43 -32.19 50.81
CA GLY C 79 -21.71 -32.49 50.21
C GLY C 79 -22.00 -31.77 48.91
N SER D 2 13.25 36.91 -3.87
CA SER D 2 13.70 36.12 -5.02
C SER D 2 12.73 34.96 -5.30
N HIS D 3 12.50 34.67 -6.57
CA HIS D 3 11.64 33.54 -6.95
C HIS D 3 12.46 32.31 -7.34
N MET D 4 13.77 32.40 -7.13
CA MET D 4 14.68 31.27 -7.38
C MET D 4 15.05 30.56 -6.07
N ALA D 5 14.92 31.29 -4.97
CA ALA D 5 15.13 30.73 -3.63
C ALA D 5 13.78 30.45 -2.97
N ARG D 6 12.72 30.91 -3.64
CA ARG D 6 11.35 30.65 -3.21
C ARG D 6 10.87 29.31 -3.75
N GLU D 7 11.11 29.09 -5.04
CA GLU D 7 10.79 27.82 -5.68
C GLU D 7 11.80 26.76 -5.26
N ASN D 8 12.95 27.20 -4.76
CA ASN D 8 13.98 26.30 -4.27
C ASN D 8 13.74 25.91 -2.81
N GLU D 9 12.91 26.70 -2.13
CA GLU D 9 12.54 26.43 -0.74
C GLU D 9 11.33 25.51 -0.66
N MET D 10 10.27 25.89 -1.37
CA MET D 10 9.02 25.12 -1.33
C MET D 10 9.17 23.75 -2.00
N ASP D 11 10.14 23.63 -2.89
CA ASP D 11 10.47 22.34 -3.50
C ASP D 11 11.51 21.65 -2.64
N GLU D 12 11.74 22.22 -1.46
CA GLU D 12 12.71 21.70 -0.51
C GLU D 12 12.03 21.29 0.78
N ASN D 13 11.11 22.14 1.25
CA ASN D 13 10.31 21.78 2.42
C ASN D 13 9.14 20.89 1.99
N LEU D 14 9.05 20.63 0.70
CA LEU D 14 8.05 19.72 0.15
C LEU D 14 8.68 18.34 0.00
N GLU D 15 10.01 18.31 0.01
CA GLU D 15 10.75 17.07 0.04
C GLU D 15 10.40 16.34 1.32
N GLN D 16 10.29 17.09 2.41
CA GLN D 16 9.91 16.55 3.70
C GLN D 16 8.47 16.06 3.70
N VAL D 17 7.59 16.88 3.15
CA VAL D 17 6.18 16.51 3.04
C VAL D 17 6.05 15.10 2.47
N SER D 18 6.72 14.84 1.35
CA SER D 18 6.69 13.53 0.73
C SER D 18 7.35 12.47 1.61
N GLY D 19 8.33 12.89 2.40
CA GLY D 19 9.06 12.00 3.28
C GLY D 19 8.25 11.48 4.45
N ILE D 20 7.70 12.41 5.24
CA ILE D 20 6.97 12.04 6.44
C ILE D 20 5.77 11.16 6.13
N ILE D 21 5.18 11.38 4.96
CA ILE D 21 4.04 10.57 4.54
C ILE D 21 4.52 9.17 4.14
N GLY D 22 5.84 8.99 4.16
CA GLY D 22 6.42 7.67 4.03
C GLY D 22 6.43 7.03 5.40
N ASN D 23 6.55 7.88 6.43
CA ASN D 23 6.43 7.44 7.81
C ASN D 23 5.00 7.09 8.12
N LEU D 24 4.11 8.06 7.91
CA LEU D 24 2.67 7.85 8.13
C LEU D 24 2.21 6.54 7.50
N ARG D 25 2.65 6.28 6.26
CA ARG D 25 2.29 5.03 5.59
C ARG D 25 2.68 3.84 6.47
N HIS D 26 3.92 3.85 6.95
CA HIS D 26 4.38 2.77 7.82
C HIS D 26 3.53 2.69 9.08
N MET D 27 3.62 3.71 9.92
CA MET D 27 2.81 3.76 11.14
C MET D 27 1.42 3.22 10.89
N ALA D 28 0.84 3.59 9.76
CA ALA D 28 -0.51 3.17 9.41
C ALA D 28 -0.68 1.67 9.58
N LEU D 29 0.22 0.91 8.96
CA LEU D 29 0.12 -0.55 9.01
C LEU D 29 0.42 -1.14 10.39
N ASP D 30 1.60 -0.83 10.94
CA ASP D 30 1.98 -1.35 12.25
C ASP D 30 0.86 -1.18 13.26
N MET D 31 0.28 0.01 13.26
CA MET D 31 -0.88 0.33 14.10
C MET D 31 -2.06 -0.57 13.71
N GLY D 32 -2.31 -0.67 12.41
CA GLY D 32 -3.41 -1.45 11.89
C GLY D 32 -3.41 -2.91 12.30
N ASN D 33 -2.24 -3.54 12.25
CA ASN D 33 -2.12 -4.95 12.62
C ASN D 33 -2.25 -5.20 14.12
N GLU D 34 -1.55 -4.40 14.92
CA GLU D 34 -1.61 -4.53 16.37
C GLU D 34 -3.05 -4.59 16.84
N ILE D 35 -3.85 -3.66 16.34
CA ILE D 35 -5.27 -3.61 16.65
C ILE D 35 -5.97 -4.94 16.40
N ASP D 36 -5.74 -5.53 15.23
CA ASP D 36 -6.38 -6.79 14.88
C ASP D 36 -5.88 -7.92 15.77
N THR D 37 -4.72 -7.71 16.37
CA THR D 37 -4.20 -8.64 17.36
C THR D 37 -4.97 -8.47 18.67
N GLN D 38 -5.17 -7.22 19.08
CA GLN D 38 -5.89 -6.92 20.32
C GLN D 38 -7.37 -7.29 20.23
N ASN D 39 -8.00 -6.94 19.12
CA ASN D 39 -9.39 -7.32 18.88
C ASN D 39 -9.57 -8.82 18.96
N ARG D 40 -8.66 -9.57 18.33
CA ARG D 40 -8.70 -11.02 18.40
C ARG D 40 -8.61 -11.43 19.86
N GLN D 41 -7.73 -10.77 20.60
CA GLN D 41 -7.51 -11.05 22.02
C GLN D 41 -8.76 -10.77 22.83
N ILE D 42 -9.27 -9.55 22.73
CA ILE D 42 -10.51 -9.21 23.42
C ILE D 42 -11.60 -10.26 23.13
N ASP D 43 -11.76 -10.63 21.86
CA ASP D 43 -12.71 -11.67 21.50
C ASP D 43 -12.46 -12.91 22.36
N ARG D 44 -11.19 -13.25 22.51
CA ARG D 44 -10.80 -14.39 23.34
C ARG D 44 -11.22 -14.20 24.81
N ILE D 45 -10.87 -13.06 25.40
CA ILE D 45 -11.15 -12.81 26.82
C ILE D 45 -12.63 -12.93 27.18
N MET D 46 -13.50 -12.55 26.26
CA MET D 46 -14.93 -12.64 26.52
C MET D 46 -15.44 -14.09 26.57
N GLU D 47 -14.92 -14.95 25.71
CA GLU D 47 -15.32 -16.35 25.73
C GLU D 47 -14.88 -17.02 27.03
N LYS D 48 -13.78 -16.55 27.60
CA LYS D 48 -13.28 -17.06 28.87
C LYS D 48 -13.98 -16.39 30.05
N ALA D 49 -14.56 -15.23 29.81
CA ALA D 49 -15.30 -14.52 30.85
C ALA D 49 -16.67 -15.14 31.04
N ASP D 50 -17.29 -15.55 29.94
CA ASP D 50 -18.62 -16.15 29.99
C ASP D 50 -18.59 -17.53 30.62
N SER D 51 -17.44 -18.19 30.57
CA SER D 51 -17.28 -19.49 31.23
C SER D 51 -17.00 -19.27 32.72
N ASN D 52 -16.67 -18.04 33.07
CA ASN D 52 -16.39 -17.67 34.46
C ASN D 52 -17.59 -17.06 35.19
N LYS D 53 -18.52 -16.46 34.44
CA LYS D 53 -19.73 -15.91 35.04
C LYS D 53 -20.81 -16.99 35.15
N THR D 54 -20.55 -18.14 34.53
CA THR D 54 -21.47 -19.27 34.60
C THR D 54 -20.98 -20.28 35.64
N ARG D 55 -19.70 -20.19 36.00
CA ARG D 55 -19.14 -21.05 37.03
C ARG D 55 -19.24 -20.37 38.40
N ILE D 56 -19.37 -19.05 38.39
CA ILE D 56 -19.66 -18.29 39.61
C ILE D 56 -21.15 -18.38 39.96
N ASP D 57 -22.00 -18.20 38.96
CA ASP D 57 -23.45 -18.27 39.15
C ASP D 57 -23.90 -19.69 39.44
N GLU D 58 -23.18 -20.66 38.90
CA GLU D 58 -23.44 -22.07 39.18
C GLU D 58 -23.13 -22.36 40.65
N ALA D 59 -22.01 -21.81 41.13
CA ALA D 59 -21.55 -22.06 42.50
C ALA D 59 -22.17 -21.12 43.53
N ASN D 60 -22.69 -19.99 43.06
CA ASN D 60 -23.33 -19.00 43.93
C ASN D 60 -24.80 -19.35 44.21
N GLN D 61 -25.34 -20.28 43.41
CA GLN D 61 -26.65 -20.86 43.67
C GLN D 61 -26.48 -22.21 44.35
N ARG D 62 -25.23 -22.54 44.67
CA ARG D 62 -24.91 -23.73 45.46
C ARG D 62 -24.65 -23.33 46.92
N ALA D 63 -24.91 -22.07 47.25
CA ALA D 63 -24.74 -21.59 48.62
C ALA D 63 -26.03 -21.72 49.42
N THR D 64 -27.16 -21.55 48.74
CA THR D 64 -28.48 -21.67 49.37
C THR D 64 -28.81 -23.13 49.70
N GLY E 1 17.10 0.49 22.81
CA GLY E 1 15.71 0.28 23.20
C GLY E 1 14.74 0.45 22.04
N SER E 2 14.01 1.57 22.05
CA SER E 2 13.00 1.84 21.02
C SER E 2 13.61 2.36 19.72
N HIS E 3 14.95 2.33 19.64
CA HIS E 3 15.65 2.68 18.42
C HIS E 3 16.20 1.40 17.76
N MET E 4 16.14 0.29 18.49
CA MET E 4 16.53 -1.00 17.95
C MET E 4 15.34 -1.67 17.26
N ARG E 5 14.22 -0.96 17.22
CA ARG E 5 13.05 -1.40 16.46
C ARG E 5 13.08 -0.78 15.07
N ARG E 6 13.46 0.49 15.02
CA ARG E 6 13.61 1.19 13.75
C ARG E 6 14.50 0.38 12.83
N LEU E 7 15.62 -0.11 13.36
CA LEU E 7 16.59 -0.89 12.58
C LEU E 7 15.96 -2.14 11.98
N GLN E 8 15.18 -2.84 12.79
CA GLN E 8 14.56 -4.09 12.35
C GLN E 8 13.70 -3.88 11.12
N GLN E 9 12.78 -2.91 11.22
CA GLN E 9 11.81 -2.67 10.15
C GLN E 9 12.32 -1.75 9.04
N THR E 10 13.14 -0.77 9.40
CA THR E 10 13.68 0.15 8.40
C THR E 10 14.62 -0.59 7.45
N GLN E 11 15.09 -1.75 7.87
CA GLN E 11 15.93 -2.58 7.03
C GLN E 11 15.10 -3.41 6.06
N ALA E 12 14.19 -4.22 6.59
CA ALA E 12 13.33 -5.06 5.75
C ALA E 12 12.65 -4.23 4.66
N GLN E 13 12.38 -2.96 4.96
CA GLN E 13 11.81 -2.04 3.99
C GLN E 13 12.73 -1.93 2.76
N VAL E 14 13.98 -1.56 3.01
CA VAL E 14 15.00 -1.47 1.96
C VAL E 14 15.17 -2.79 1.22
N ASP E 15 15.19 -3.89 1.97
CA ASP E 15 15.23 -5.22 1.38
C ASP E 15 14.12 -5.33 0.35
N GLU E 16 12.91 -5.01 0.79
CA GLU E 16 11.75 -5.05 -0.09
C GLU E 16 12.00 -4.20 -1.34
N VAL E 17 12.48 -2.98 -1.14
CA VAL E 17 12.72 -2.07 -2.26
C VAL E 17 13.67 -2.68 -3.28
N VAL E 18 14.89 -2.98 -2.84
CA VAL E 18 15.92 -3.52 -3.74
C VAL E 18 15.49 -4.85 -4.34
N ASP E 19 14.79 -5.66 -3.56
CA ASP E 19 14.25 -6.92 -4.08
C ASP E 19 13.35 -6.63 -5.28
N ILE E 20 12.49 -5.63 -5.13
CA ILE E 20 11.61 -5.20 -6.22
C ILE E 20 12.40 -4.62 -7.38
N MET E 21 13.25 -3.64 -7.09
CA MET E 21 14.07 -3.00 -8.11
C MET E 21 14.93 -4.02 -8.86
N ARG E 22 15.10 -5.20 -8.28
CA ARG E 22 15.80 -6.28 -8.95
C ARG E 22 14.99 -6.81 -10.12
N VAL E 23 13.72 -7.11 -9.88
CA VAL E 23 12.84 -7.59 -10.94
C VAL E 23 12.50 -6.48 -11.93
N ASN E 24 12.53 -5.24 -11.46
CA ASN E 24 12.33 -4.08 -12.33
C ASN E 24 13.41 -3.98 -13.40
N VAL E 25 14.65 -4.24 -13.01
CA VAL E 25 15.77 -4.21 -13.95
C VAL E 25 15.60 -5.28 -15.03
N ASP E 26 15.10 -6.44 -14.62
CA ASP E 26 14.88 -7.55 -15.55
C ASP E 26 13.78 -7.21 -16.56
N LYS E 27 12.97 -6.21 -16.23
CA LYS E 27 11.92 -5.75 -17.13
C LYS E 27 12.48 -4.70 -18.09
N VAL E 28 13.33 -3.81 -17.57
CA VAL E 28 13.97 -2.79 -18.38
C VAL E 28 14.89 -3.43 -19.41
N LEU E 29 15.20 -4.70 -19.20
CA LEU E 29 16.02 -5.46 -20.15
C LEU E 29 15.19 -6.09 -21.26
N GLU E 30 13.99 -6.58 -20.92
CA GLU E 30 13.06 -7.02 -21.94
C GLU E 30 12.65 -5.83 -22.79
N ARG E 31 12.62 -4.65 -22.17
CA ARG E 31 12.35 -3.42 -22.88
C ARG E 31 13.43 -3.22 -23.94
N ASP E 32 14.68 -3.39 -23.56
CA ASP E 32 15.79 -3.27 -24.51
C ASP E 32 15.51 -4.16 -25.73
N GLN E 33 15.41 -5.46 -25.50
CA GLN E 33 15.28 -6.43 -26.60
C GLN E 33 14.03 -6.23 -27.46
N LYS E 34 12.94 -5.82 -26.82
CA LYS E 34 11.70 -5.58 -27.55
C LYS E 34 11.79 -4.27 -28.32
N LEU E 35 12.57 -3.34 -27.82
CA LEU E 35 12.69 -2.02 -28.43
C LEU E 35 13.72 -2.01 -29.55
N SER E 36 14.97 -2.33 -29.22
CA SER E 36 16.04 -2.37 -30.21
C SER E 36 15.62 -3.18 -31.43
N GLU E 37 14.74 -4.17 -31.20
CA GLU E 37 14.25 -5.00 -32.29
C GLU E 37 13.17 -4.31 -33.10
N LEU E 38 12.26 -3.62 -32.41
CA LEU E 38 11.23 -2.84 -33.09
C LEU E 38 11.88 -1.75 -33.95
N ASP E 39 13.04 -1.24 -33.50
CA ASP E 39 13.79 -0.21 -34.22
C ASP E 39 14.35 -0.75 -35.52
N ASP E 40 14.59 -2.06 -35.56
CA ASP E 40 15.07 -2.73 -36.76
C ASP E 40 13.94 -2.82 -37.80
N ARG E 41 12.71 -2.70 -37.33
CA ARG E 41 11.56 -2.68 -38.23
C ARG E 41 11.13 -1.26 -38.51
N ALA E 42 11.56 -0.32 -37.66
CA ALA E 42 11.27 1.09 -37.86
C ALA E 42 11.97 1.57 -39.13
N ASP E 43 13.18 1.06 -39.34
CA ASP E 43 13.93 1.27 -40.57
C ASP E 43 13.35 0.42 -41.69
N ALA E 44 13.28 -0.89 -41.46
CA ALA E 44 12.82 -1.85 -42.45
C ALA E 44 11.37 -1.65 -42.85
N LEU E 45 10.77 -0.56 -42.38
CA LEU E 45 9.44 -0.18 -42.81
C LEU E 45 9.41 1.25 -43.27
N GLN E 46 10.49 1.98 -42.98
CA GLN E 46 10.69 3.27 -43.61
C GLN E 46 11.33 3.04 -44.97
N ALA E 47 11.85 1.83 -45.18
CA ALA E 47 12.47 1.46 -46.44
C ALA E 47 11.51 0.65 -47.32
N GLY E 48 10.65 -0.16 -46.68
CA GLY E 48 9.61 -0.86 -47.41
C GLY E 48 8.56 0.14 -47.87
N ALA E 49 8.47 1.26 -47.16
CA ALA E 49 7.52 2.30 -47.48
C ALA E 49 8.05 3.25 -48.54
N SER E 50 9.29 3.70 -48.37
CA SER E 50 9.88 4.65 -49.32
C SER E 50 10.31 3.99 -50.62
N GLN E 51 10.23 2.66 -50.68
CA GLN E 51 10.47 1.93 -51.92
C GLN E 51 9.14 1.70 -52.63
N PHE E 52 8.08 1.63 -51.84
CA PHE E 52 6.74 1.58 -52.42
C PHE E 52 6.23 2.99 -52.75
N GLU E 53 6.89 4.00 -52.18
CA GLU E 53 6.58 5.38 -52.54
C GLU E 53 7.20 5.69 -53.90
N THR E 54 8.26 4.97 -54.25
CA THR E 54 8.87 5.09 -55.57
C THR E 54 8.01 4.39 -56.63
N SER E 55 7.69 3.13 -56.38
CA SER E 55 6.80 2.37 -57.25
C SER E 55 5.50 3.12 -57.47
N ALA E 56 5.00 3.77 -56.41
CA ALA E 56 3.75 4.51 -56.48
C ALA E 56 3.91 5.84 -57.21
N ALA E 57 4.99 6.55 -56.91
CA ALA E 57 5.29 7.82 -57.57
C ALA E 57 5.29 7.63 -59.09
N LYS E 58 6.00 6.59 -59.54
CA LYS E 58 6.06 6.27 -60.96
C LYS E 58 4.72 5.76 -61.51
N LEU E 59 4.03 4.92 -60.73
CA LEU E 59 2.75 4.39 -61.16
C LEU E 59 1.74 5.51 -61.41
N LYS E 60 2.09 6.72 -60.98
CA LYS E 60 1.28 7.90 -61.28
C LYS E 60 1.71 8.51 -62.63
N ARG E 61 2.99 8.86 -62.75
CA ARG E 61 3.50 9.38 -64.01
C ARG E 61 3.05 8.51 -65.18
N LYS E 62 3.63 7.33 -65.31
CA LYS E 62 3.34 6.41 -66.42
C LYS E 62 1.84 6.37 -66.76
N TYR E 63 1.03 6.19 -65.74
CA TYR E 63 -0.41 6.27 -65.86
C TYR E 63 -0.82 7.59 -66.51
N TRP E 64 -0.32 8.69 -65.95
CA TRP E 64 -0.68 10.07 -66.35
C TRP E 64 -0.57 10.35 -67.86
N TRP E 65 0.57 10.00 -68.42
CA TRP E 65 0.87 10.31 -69.82
C TRP E 65 -0.11 9.64 -70.79
N LYS E 66 -0.51 8.42 -70.49
CA LYS E 66 -1.45 7.71 -71.35
C LYS E 66 -2.79 8.45 -71.43
N ASN E 67 -2.96 9.49 -70.64
CA ASN E 67 -4.13 10.34 -70.75
C ASN E 67 -3.84 11.51 -71.69
N LEU E 68 -2.59 11.95 -71.68
CA LEU E 68 -2.13 12.96 -72.64
C LEU E 68 -2.10 12.38 -74.05
N LYS E 69 -1.45 11.23 -74.21
CA LYS E 69 -1.44 10.52 -75.47
C LYS E 69 -2.84 10.48 -76.04
N MET E 70 -3.77 9.95 -75.26
CA MET E 70 -5.14 9.75 -75.75
C MET E 70 -5.94 11.05 -75.83
N MET E 71 -5.26 12.19 -75.74
CA MET E 71 -5.89 13.47 -76.05
C MET E 71 -5.07 14.19 -77.10
N ILE E 72 -3.93 13.58 -77.45
CA ILE E 72 -3.17 13.99 -78.61
C ILE E 72 -3.60 13.14 -79.77
N ILE E 73 -3.81 11.85 -79.50
CA ILE E 73 -4.23 10.90 -80.53
C ILE E 73 -5.73 11.01 -80.77
N LEU E 74 -6.39 11.82 -79.96
CA LEU E 74 -7.78 12.13 -80.22
C LEU E 74 -7.81 13.50 -80.87
N GLY E 75 -6.68 14.19 -80.82
CA GLY E 75 -6.50 15.46 -81.50
C GLY E 75 -6.17 15.31 -82.98
N VAL E 76 -5.21 14.44 -83.29
CA VAL E 76 -4.91 14.14 -84.67
C VAL E 76 -6.08 13.44 -85.35
N ILE E 77 -6.72 12.53 -84.63
CA ILE E 77 -7.86 11.81 -85.19
C ILE E 77 -9.08 12.70 -85.36
N CYS E 78 -9.18 13.75 -84.55
CA CYS E 78 -10.26 14.72 -84.71
C CYS E 78 -9.90 15.76 -85.76
N ALA E 79 -8.66 15.72 -86.22
CA ALA E 79 -8.20 16.63 -87.25
C ALA E 79 -8.09 15.94 -88.60
N ILE E 80 -7.71 14.65 -88.57
CA ILE E 80 -7.65 13.83 -89.77
C ILE E 80 -9.04 13.64 -90.36
N ILE E 81 -10.03 13.41 -89.52
CA ILE E 81 -11.41 13.33 -89.98
C ILE E 81 -11.84 14.69 -90.47
N LEU E 82 -11.16 15.72 -89.98
CA LEU E 82 -11.48 17.10 -90.32
C LEU E 82 -11.02 17.41 -91.74
N ILE E 83 -9.83 16.92 -92.09
CA ILE E 83 -9.24 17.11 -93.41
C ILE E 83 -9.75 16.07 -94.41
N ILE E 84 -9.93 14.84 -93.93
CA ILE E 84 -10.59 13.82 -94.74
C ILE E 84 -11.98 14.32 -95.05
N ILE E 85 -12.35 15.42 -94.40
CA ILE E 85 -13.64 16.03 -94.64
C ILE E 85 -13.56 17.25 -95.56
N ILE E 86 -12.48 18.02 -95.46
CA ILE E 86 -12.31 19.16 -96.35
C ILE E 86 -12.09 18.67 -97.78
N VAL E 87 -11.88 17.36 -97.91
CA VAL E 87 -11.63 16.74 -99.22
C VAL E 87 -12.86 16.05 -99.84
N TYR E 88 -13.94 15.88 -99.08
CA TYR E 88 -15.20 15.39 -99.64
C TYR E 88 -16.25 16.49 -99.59
N PHE E 89 -15.89 17.61 -98.98
CA PHE E 89 -16.65 18.85 -99.08
C PHE E 89 -16.18 19.62 -100.31
N SER E 90 -14.93 19.39 -100.71
CA SER E 90 -14.37 20.08 -101.88
C SER E 90 -14.55 19.22 -103.13
N THR E 91 -14.30 17.92 -102.95
CA THR E 91 -14.56 16.84 -103.91
C THR E 91 -15.25 17.29 -105.19
N LYS F 10 30.64 -1.27 30.47
CA LYS F 10 30.92 -2.50 29.74
C LYS F 10 29.70 -2.97 28.96
N GLN F 11 28.52 -2.69 29.49
CA GLN F 11 27.26 -3.13 28.88
C GLN F 11 26.74 -2.13 27.85
N ALA F 12 27.11 -0.86 27.99
CA ALA F 12 26.71 0.18 27.04
C ALA F 12 27.76 0.35 25.94
N LEU F 13 28.77 -0.52 25.97
CA LEU F 13 29.82 -0.52 24.97
C LEU F 13 29.65 -1.71 24.04
N SER F 14 28.73 -2.60 24.41
CA SER F 14 28.36 -3.73 23.58
C SER F 14 27.07 -3.42 22.82
N GLU F 15 26.47 -2.28 23.16
CA GLU F 15 25.24 -1.82 22.51
C GLU F 15 25.54 -0.76 21.44
N ILE F 16 26.66 -0.07 21.60
CA ILE F 16 27.15 0.86 20.57
C ILE F 16 27.91 0.06 19.53
N GLU F 17 28.36 -1.13 19.93
CA GLU F 17 29.09 -2.04 19.05
C GLU F 17 28.14 -2.84 18.16
N THR F 18 26.90 -2.99 18.61
CA THR F 18 25.88 -3.69 17.85
C THR F 18 24.99 -2.72 17.07
N ARG F 19 24.90 -1.47 17.53
CA ARG F 19 24.16 -0.44 16.80
C ARG F 19 24.98 0.08 15.62
N HIS F 20 26.25 0.37 15.88
CA HIS F 20 27.20 0.72 14.82
C HIS F 20 27.30 -0.45 13.86
N SER F 21 27.32 -1.65 14.43
CA SER F 21 27.45 -2.90 13.69
C SER F 21 26.40 -3.06 12.61
N GLU F 22 25.28 -2.35 12.73
CA GLU F 22 24.20 -2.46 11.75
C GLU F 22 23.99 -1.18 10.96
N ILE F 23 24.42 -0.05 11.50
CA ILE F 23 24.33 1.21 10.79
C ILE F 23 25.18 1.17 9.52
N ILE F 24 26.21 0.32 9.53
CA ILE F 24 27.01 0.09 8.33
C ILE F 24 26.39 -1.02 7.48
N LYS F 25 25.68 -1.93 8.14
CA LYS F 25 24.96 -2.99 7.44
C LYS F 25 23.77 -2.41 6.70
N LEU F 26 23.41 -1.19 7.09
CA LEU F 26 22.33 -0.47 6.42
C LEU F 26 22.91 0.48 5.38
N GLU F 27 24.04 1.11 5.70
CA GLU F 27 24.69 2.04 4.77
C GLU F 27 25.23 1.31 3.55
N ASN F 28 25.78 0.11 3.77
CA ASN F 28 26.30 -0.71 2.69
C ASN F 28 25.16 -1.29 1.85
N SER F 29 23.96 -1.33 2.45
CA SER F 29 22.78 -1.81 1.75
C SER F 29 22.10 -0.67 0.97
N ILE F 30 22.15 0.54 1.54
CA ILE F 30 21.57 1.73 0.90
C ILE F 30 22.33 2.09 -0.38
N ARG F 31 23.65 1.92 -0.35
CA ARG F 31 24.48 2.17 -1.53
C ARG F 31 24.04 1.24 -2.65
N GLU F 32 23.71 0.00 -2.30
CA GLU F 32 23.24 -0.97 -3.27
C GLU F 32 21.95 -0.52 -3.92
N LEU F 33 21.08 0.10 -3.13
CA LEU F 33 19.83 0.62 -3.66
C LEU F 33 20.04 1.97 -4.37
N HIS F 34 21.05 2.71 -3.93
CA HIS F 34 21.43 3.93 -4.63
C HIS F 34 21.78 3.56 -6.07
N ASP F 35 22.66 2.58 -6.21
CA ASP F 35 23.10 2.12 -7.53
C ASP F 35 21.94 1.56 -8.35
N MET F 36 20.97 0.93 -7.69
CA MET F 36 19.82 0.38 -8.39
C MET F 36 19.00 1.48 -9.05
N PHE F 37 19.06 2.69 -8.50
CA PHE F 37 18.31 3.82 -9.03
C PHE F 37 19.10 4.64 -10.07
N MET F 38 20.43 4.55 -9.99
CA MET F 38 21.28 5.18 -10.99
C MET F 38 21.47 4.22 -12.16
N ASP F 39 21.38 2.93 -11.86
CA ASP F 39 21.42 1.89 -12.88
C ASP F 39 20.07 1.86 -13.60
N MET F 40 19.16 2.72 -13.16
CA MET F 40 17.84 2.80 -13.77
C MET F 40 17.68 4.07 -14.60
N ALA F 41 18.13 5.19 -14.06
CA ALA F 41 18.11 6.45 -14.80
C ALA F 41 19.07 6.38 -15.98
N MET F 42 19.86 5.31 -16.01
CA MET F 42 20.83 5.07 -17.08
C MET F 42 20.15 4.29 -18.21
N LEU F 43 19.74 3.05 -17.92
CA LEU F 43 19.14 2.16 -18.91
C LEU F 43 17.88 2.71 -19.54
N VAL F 44 17.14 3.50 -18.77
CA VAL F 44 15.92 4.11 -19.28
C VAL F 44 16.24 5.25 -20.23
N GLU F 45 17.06 6.17 -19.75
CA GLU F 45 17.44 7.33 -20.54
C GLU F 45 18.26 6.91 -21.75
N SER F 46 19.04 5.85 -21.57
CA SER F 46 19.83 5.29 -22.66
C SER F 46 18.91 4.75 -23.74
N GLN F 47 17.84 4.09 -23.31
CA GLN F 47 16.84 3.59 -24.25
C GLN F 47 15.99 4.74 -24.76
N GLY F 48 16.17 5.92 -24.17
CA GLY F 48 15.47 7.11 -24.58
C GLY F 48 15.91 7.57 -25.96
N GLU F 49 17.18 7.31 -26.28
CA GLU F 49 17.72 7.59 -27.61
C GLU F 49 17.21 6.54 -28.60
N MET F 50 16.89 5.35 -28.09
CA MET F 50 16.47 4.23 -28.93
C MET F 50 14.99 4.31 -29.28
N ILE F 51 14.25 5.16 -28.58
CA ILE F 51 12.83 5.34 -28.84
C ILE F 51 12.59 6.44 -29.87
N ASP F 52 13.32 7.55 -29.74
CA ASP F 52 13.19 8.66 -30.67
C ASP F 52 13.43 8.21 -32.10
N ARG F 53 14.29 7.20 -32.25
CA ARG F 53 14.57 6.65 -33.57
C ARG F 53 13.42 5.76 -34.04
N ILE F 54 12.68 5.20 -33.10
CA ILE F 54 11.51 4.41 -33.45
C ILE F 54 10.29 5.32 -33.65
N GLU F 55 10.41 6.55 -33.19
CA GLU F 55 9.35 7.53 -33.43
C GLU F 55 9.64 8.23 -34.76
N TYR F 56 10.85 8.74 -34.89
CA TYR F 56 11.32 9.34 -36.13
C TYR F 56 11.02 8.40 -37.31
N ASN F 57 11.46 7.15 -37.19
CA ASN F 57 11.26 6.16 -38.25
C ASN F 57 9.80 5.89 -38.53
N VAL F 58 8.96 6.00 -37.51
CA VAL F 58 7.54 5.75 -37.67
C VAL F 58 6.81 6.95 -38.25
N GLU F 59 7.10 8.14 -37.74
CA GLU F 59 6.44 9.36 -38.23
C GLU F 59 6.77 9.61 -39.70
N HIS F 60 7.90 9.08 -40.15
CA HIS F 60 8.24 9.12 -41.55
C HIS F 60 7.58 7.96 -42.28
N ALA F 61 7.63 6.76 -41.69
CA ALA F 61 6.98 5.59 -42.27
C ALA F 61 5.46 5.77 -42.31
N VAL F 62 4.94 6.58 -41.41
CA VAL F 62 3.51 6.89 -41.39
C VAL F 62 3.22 7.84 -42.54
N ASP F 63 4.13 8.78 -42.74
CA ASP F 63 3.95 9.80 -43.75
C ASP F 63 4.17 9.22 -45.14
N TYR F 64 5.12 8.30 -45.29
CA TYR F 64 5.37 7.66 -46.57
C TYR F 64 4.12 6.94 -47.07
N VAL F 65 3.39 6.33 -46.15
CA VAL F 65 2.14 5.65 -46.47
C VAL F 65 1.05 6.66 -46.76
N GLU F 66 1.13 7.81 -46.10
CA GLU F 66 0.13 8.86 -46.26
C GLU F 66 0.14 9.39 -47.69
N ARG F 67 1.33 9.59 -48.25
CA ARG F 67 1.46 9.99 -49.64
C ARG F 67 1.27 8.78 -50.56
N ALA F 68 1.93 7.68 -50.22
CA ALA F 68 1.93 6.48 -51.06
C ALA F 68 0.53 5.96 -51.39
N VAL F 69 -0.47 6.39 -50.63
CA VAL F 69 -1.85 6.00 -50.91
C VAL F 69 -2.58 7.08 -51.69
N SER F 70 -2.22 8.34 -51.43
CA SER F 70 -2.84 9.46 -52.12
C SER F 70 -2.52 9.38 -53.61
N ASP F 71 -1.33 8.85 -53.92
CA ASP F 71 -0.93 8.67 -55.31
C ASP F 71 -1.67 7.53 -55.97
N THR F 72 -2.03 6.50 -55.20
CA THR F 72 -2.79 5.38 -55.75
C THR F 72 -4.18 5.86 -56.15
N LYS F 73 -4.57 7.03 -55.68
CA LYS F 73 -5.87 7.61 -56.01
C LYS F 73 -5.81 8.40 -57.31
N LYS F 74 -4.90 9.37 -57.38
CA LYS F 74 -4.65 10.08 -58.62
C LYS F 74 -4.34 9.04 -59.67
N ALA F 75 -3.81 7.91 -59.21
CA ALA F 75 -3.46 6.81 -60.08
C ALA F 75 -4.60 5.82 -60.31
N VAL F 76 -5.82 6.34 -60.44
CA VAL F 76 -6.95 5.54 -60.92
C VAL F 76 -7.92 6.51 -61.56
N LYS F 77 -7.61 7.78 -61.44
CA LYS F 77 -8.41 8.84 -62.02
C LYS F 77 -8.24 8.87 -63.54
N TYR F 78 -6.99 9.03 -63.96
CA TYR F 78 -6.67 9.24 -65.36
C TYR F 78 -6.95 8.01 -66.23
N GLN F 79 -7.42 6.93 -65.62
CA GLN F 79 -7.64 5.67 -66.33
C GLN F 79 -8.97 5.73 -67.03
N SER F 80 -9.98 6.04 -66.25
CA SER F 80 -11.29 6.33 -66.82
C SER F 80 -11.16 7.53 -67.74
N LYS F 81 -10.24 8.45 -67.43
CA LYS F 81 -10.03 9.63 -68.28
C LYS F 81 -9.23 9.31 -69.54
N ALA F 82 -8.38 8.29 -69.45
CA ALA F 82 -7.66 7.81 -70.62
C ALA F 82 -8.59 6.89 -71.41
N ARG F 83 -9.11 5.88 -70.73
CA ARG F 83 -10.07 4.95 -71.30
C ARG F 83 -11.12 5.68 -72.14
N ARG F 84 -11.67 6.77 -71.60
CA ARG F 84 -12.58 7.62 -72.36
C ARG F 84 -11.87 8.14 -73.59
N LYS F 85 -10.86 8.98 -73.35
CA LYS F 85 -10.10 9.61 -74.43
C LYS F 85 -9.49 8.61 -75.41
N LYS F 86 -9.50 7.32 -75.05
CA LYS F 86 -8.93 6.29 -75.92
C LYS F 86 -10.00 5.67 -76.80
N ILE F 87 -11.18 5.44 -76.24
CA ILE F 87 -12.30 4.85 -76.97
C ILE F 87 -13.06 5.94 -77.73
N MET F 88 -12.87 7.19 -77.33
CA MET F 88 -13.41 8.33 -78.08
C MET F 88 -12.62 8.41 -79.37
N ILE F 89 -11.36 7.98 -79.28
CA ILE F 89 -10.52 7.81 -80.45
C ILE F 89 -11.01 6.60 -81.24
N ILE F 90 -11.13 5.46 -80.57
CA ILE F 90 -11.61 4.22 -81.19
C ILE F 90 -12.99 4.40 -81.80
N ILE F 91 -13.70 5.42 -81.34
CA ILE F 91 -14.94 5.85 -81.95
C ILE F 91 -14.61 6.50 -83.29
N CYS F 92 -13.77 7.54 -83.25
CA CYS F 92 -13.38 8.27 -84.45
C CYS F 92 -12.34 7.53 -85.29
N CYS F 93 -12.20 6.24 -85.00
CA CYS F 93 -11.37 5.35 -85.82
C CYS F 93 -12.24 4.56 -86.77
N VAL F 94 -13.12 3.75 -86.19
CA VAL F 94 -14.13 3.07 -86.96
C VAL F 94 -14.86 4.11 -87.83
N ILE F 95 -14.93 5.34 -87.34
CA ILE F 95 -15.52 6.45 -88.07
C ILE F 95 -14.73 6.76 -89.34
N LEU F 96 -13.40 6.72 -89.22
CA LEU F 96 -12.53 7.00 -90.36
C LEU F 96 -12.49 5.85 -91.36
N GLY F 97 -12.76 4.64 -90.87
CA GLY F 97 -12.69 3.44 -91.70
C GLY F 97 -13.90 3.28 -92.60
N ILE F 98 -15.02 3.85 -92.16
CA ILE F 98 -16.24 3.79 -92.94
C ILE F 98 -16.42 5.10 -93.73
N ILE F 99 -15.54 6.07 -93.45
CA ILE F 99 -15.47 7.32 -94.21
C ILE F 99 -14.52 7.12 -95.40
N ILE F 100 -13.73 6.04 -95.33
CA ILE F 100 -12.81 5.71 -96.40
C ILE F 100 -13.22 4.40 -97.09
N ALA F 101 -14.15 3.69 -96.48
CA ALA F 101 -14.76 2.52 -97.11
C ALA F 101 -15.97 2.92 -97.94
N SER F 102 -16.15 4.23 -98.11
CA SER F 102 -17.22 4.78 -98.93
C SER F 102 -16.66 5.50 -100.17
N THR F 103 -15.34 5.64 -100.20
CA THR F 103 -14.63 6.04 -101.42
C THR F 103 -14.09 4.80 -102.14
N ILE F 104 -14.58 3.65 -101.70
CA ILE F 104 -14.31 2.35 -102.33
C ILE F 104 -15.64 1.68 -102.68
N GLY F 105 -16.71 2.14 -102.02
CA GLY F 105 -18.06 1.68 -102.32
C GLY F 105 -18.77 2.66 -103.22
N GLY F 106 -18.05 3.70 -103.62
CA GLY F 106 -18.52 4.67 -104.58
C GLY F 106 -17.39 5.09 -105.51
N ILE F 107 -16.51 4.13 -105.82
CA ILE F 107 -15.33 4.33 -106.68
C ILE F 107 -14.40 5.46 -106.20
N ARG G 5 42.83 5.14 36.36
CA ARG G 5 41.98 4.68 35.26
C ARG G 5 42.59 4.98 33.90
N ASN G 6 43.18 3.97 33.27
CA ASN G 6 43.74 4.10 31.92
C ASN G 6 43.12 3.08 30.96
N GLU G 7 42.61 1.99 31.52
CA GLU G 7 41.94 0.94 30.74
C GLU G 7 40.45 1.25 30.63
N LEU G 8 39.95 2.04 31.58
CA LEU G 8 38.56 2.48 31.61
C LEU G 8 38.38 3.80 30.87
N GLU G 9 39.45 4.28 30.25
CA GLU G 9 39.44 5.54 29.51
C GLU G 9 39.58 5.28 28.01
N GLU G 10 40.20 4.16 27.67
CA GLU G 10 40.40 3.76 26.28
C GLU G 10 39.24 2.90 25.80
N MET G 11 38.16 2.89 26.59
CA MET G 11 36.97 2.11 26.29
C MET G 11 35.74 3.02 26.11
N GLN G 12 35.88 4.29 26.52
CA GLN G 12 34.83 5.29 26.29
C GLN G 12 35.22 6.22 25.15
N ARG G 13 36.45 6.07 24.67
CA ARG G 13 36.94 6.79 23.50
C ARG G 13 36.52 6.06 22.24
N ARG G 14 36.51 4.74 22.30
CA ARG G 14 36.06 3.91 21.19
C ARG G 14 34.53 3.86 21.18
N ALA G 15 33.94 4.08 22.35
CA ALA G 15 32.49 4.13 22.49
C ALA G 15 31.93 5.42 21.90
N ASP G 16 32.66 6.52 22.10
CA ASP G 16 32.32 7.78 21.47
C ASP G 16 33.01 7.87 20.12
N GLN G 17 33.72 6.82 19.75
CA GLN G 17 34.37 6.72 18.44
C GLN G 17 33.41 6.07 17.44
N LEU G 18 32.55 5.19 17.94
CA LEU G 18 31.55 4.53 17.11
C LEU G 18 30.33 5.43 16.93
N ALA G 19 30.28 6.52 17.67
CA ALA G 19 29.21 7.51 17.54
C ALA G 19 29.59 8.61 16.56
N ASP G 20 30.84 8.55 16.08
CA ASP G 20 31.33 9.48 15.07
C ASP G 20 31.19 8.85 13.69
N GLU G 21 31.23 7.53 13.66
CA GLU G 21 31.10 6.78 12.41
C GLU G 21 29.64 6.41 12.18
N SER G 22 28.86 6.40 13.27
CA SER G 22 27.42 6.17 13.19
C SER G 22 26.70 7.47 12.93
N LEU G 23 27.37 8.58 13.24
CA LEU G 23 26.85 9.90 12.98
C LEU G 23 27.29 10.34 11.59
N GLU G 24 28.46 9.87 11.18
CA GLU G 24 28.98 10.20 9.85
C GLU G 24 28.28 9.37 8.78
N SER G 25 27.90 8.15 9.15
CA SER G 25 27.22 7.26 8.21
C SER G 25 25.71 7.57 8.15
N THR G 26 25.19 8.23 9.18
CA THR G 26 23.78 8.64 9.19
C THR G 26 23.58 9.84 8.26
N ARG G 27 24.69 10.43 7.84
CA ARG G 27 24.68 11.53 6.89
C ARG G 27 24.97 10.99 5.49
N ARG G 28 25.91 10.05 5.40
CA ARG G 28 26.25 9.44 4.12
C ARG G 28 25.10 8.58 3.61
N MET G 29 24.27 8.07 4.52
CA MET G 29 23.08 7.32 4.15
C MET G 29 21.98 8.28 3.71
N LEU G 30 21.79 9.32 4.51
CA LEU G 30 20.76 10.31 4.24
C LEU G 30 20.86 10.87 2.82
N GLN G 31 22.09 10.99 2.31
CA GLN G 31 22.32 11.55 0.97
C GLN G 31 22.13 10.48 -0.11
N LEU G 32 22.48 9.24 0.21
CA LEU G 32 22.34 8.12 -0.72
C LEU G 32 20.86 7.87 -1.04
N VAL G 33 19.97 8.37 -0.18
CA VAL G 33 18.54 8.16 -0.34
C VAL G 33 17.93 9.23 -1.22
N GLU G 34 18.22 10.48 -0.88
CA GLU G 34 17.70 11.62 -1.63
C GLU G 34 18.09 11.51 -3.10
N GLU G 35 19.32 11.10 -3.35
CA GLU G 35 19.80 10.93 -4.72
C GLU G 35 19.16 9.72 -5.39
N SER G 36 18.74 8.75 -4.58
CA SER G 36 17.99 7.60 -5.09
C SER G 36 16.56 8.02 -5.33
N LYS G 37 16.09 9.01 -4.58
CA LYS G 37 14.77 9.57 -4.77
C LYS G 37 14.77 10.41 -6.05
N ASP G 38 15.67 11.38 -6.12
CA ASP G 38 15.78 12.27 -7.27
C ASP G 38 16.09 11.50 -8.55
N ALA G 39 17.10 10.64 -8.49
CA ALA G 39 17.46 9.81 -9.64
C ALA G 39 16.34 8.82 -9.93
N GLY G 40 15.31 8.85 -9.10
CA GLY G 40 14.12 8.04 -9.30
C GLY G 40 13.02 8.87 -9.92
N ILE G 41 12.83 10.08 -9.41
CA ILE G 41 11.81 10.96 -9.95
C ILE G 41 12.04 11.14 -11.44
N ARG G 42 13.29 11.42 -11.83
CA ARG G 42 13.65 11.63 -13.23
C ARG G 42 13.34 10.39 -14.07
N THR G 43 13.61 9.22 -13.49
CA THR G 43 13.31 7.95 -14.15
C THR G 43 11.82 7.88 -14.48
N LEU G 44 11.03 8.48 -13.59
CA LEU G 44 9.58 8.49 -13.74
C LEU G 44 9.11 9.52 -14.77
N VAL G 45 9.58 10.76 -14.62
CA VAL G 45 9.19 11.83 -15.52
C VAL G 45 9.52 11.46 -16.96
N MET G 46 10.54 10.63 -17.13
CA MET G 46 10.93 10.18 -18.45
C MET G 46 9.98 9.10 -18.97
N LEU G 47 9.63 8.16 -18.11
CA LEU G 47 8.69 7.11 -18.49
C LEU G 47 7.36 7.68 -18.95
N ASP G 48 7.09 8.92 -18.56
CA ASP G 48 5.87 9.60 -18.98
C ASP G 48 6.06 10.15 -20.39
N GLU G 49 7.11 10.94 -20.57
CA GLU G 49 7.43 11.51 -21.88
C GLU G 49 7.60 10.41 -22.92
N GLN G 50 8.40 9.40 -22.60
CA GLN G 50 8.50 8.22 -23.44
C GLN G 50 7.11 7.65 -23.64
N GLY G 51 6.35 7.56 -22.55
CA GLY G 51 5.01 7.02 -22.55
C GLY G 51 4.08 7.68 -23.55
N GLU G 52 4.29 8.98 -23.79
CA GLU G 52 3.48 9.72 -24.76
C GLU G 52 3.95 9.46 -26.18
N GLN G 53 5.26 9.41 -26.36
CA GLN G 53 5.84 9.17 -27.68
C GLN G 53 5.40 7.82 -28.23
N LEU G 54 5.27 6.83 -27.34
CA LEU G 54 4.85 5.50 -27.74
C LEU G 54 3.38 5.47 -28.12
N ASP G 55 2.66 6.53 -27.79
CA ASP G 55 1.23 6.60 -28.05
C ASP G 55 0.95 7.21 -29.41
N ARG G 56 1.69 8.24 -29.77
CA ARG G 56 1.68 8.74 -31.12
C ARG G 56 2.10 7.60 -32.03
N VAL G 57 3.12 6.86 -31.61
CA VAL G 57 3.66 5.77 -32.41
C VAL G 57 2.62 4.69 -32.69
N GLU G 58 1.75 4.42 -31.73
CA GLU G 58 0.72 3.42 -31.94
C GLU G 58 -0.34 3.95 -32.91
N GLU G 59 -0.73 5.21 -32.72
CA GLU G 59 -1.68 5.83 -33.63
C GLU G 59 -1.16 5.67 -35.05
N GLY G 60 0.15 5.82 -35.20
CA GLY G 60 0.80 5.72 -36.49
C GLY G 60 0.53 4.40 -37.18
N MET G 61 0.63 3.32 -36.41
CA MET G 61 0.46 1.99 -36.99
C MET G 61 -0.98 1.69 -37.39
N ASN G 62 -1.93 2.35 -36.72
CA ASN G 62 -3.34 2.20 -37.07
C ASN G 62 -3.69 3.12 -38.22
N HIS G 63 -3.14 4.33 -38.16
CA HIS G 63 -3.27 5.28 -39.24
C HIS G 63 -2.71 4.67 -40.51
N ILE G 64 -1.57 4.00 -40.39
CA ILE G 64 -0.93 3.33 -41.52
C ILE G 64 -1.77 2.16 -42.01
N ASN G 65 -2.06 1.22 -41.11
CA ASN G 65 -2.81 0.03 -41.49
C ASN G 65 -4.19 0.38 -42.04
N GLN G 66 -4.63 1.61 -41.82
CA GLN G 66 -5.90 2.05 -42.36
C GLN G 66 -5.74 2.58 -43.78
N ASP G 67 -4.62 3.25 -44.03
CA ASP G 67 -4.33 3.83 -45.34
C ASP G 67 -3.82 2.79 -46.34
N MET G 68 -3.29 1.69 -45.83
CA MET G 68 -2.87 0.58 -46.66
C MET G 68 -4.07 -0.13 -47.25
N LYS G 69 -5.13 -0.22 -46.45
CA LYS G 69 -6.37 -0.84 -46.91
C LYS G 69 -7.02 0.04 -47.98
N GLU G 70 -6.77 1.33 -47.91
CA GLU G 70 -7.30 2.27 -48.90
C GLU G 70 -6.68 2.05 -50.27
N ALA G 71 -5.38 1.78 -50.27
CA ALA G 71 -4.66 1.57 -51.52
C ALA G 71 -4.91 0.15 -52.05
N GLU G 72 -5.33 -0.75 -51.18
CA GLU G 72 -5.58 -2.12 -51.59
C GLU G 72 -6.85 -2.21 -52.42
N LYS G 73 -7.53 -1.07 -52.55
CA LYS G 73 -8.70 -0.96 -53.43
C LYS G 73 -8.34 -0.28 -54.75
N ASN G 74 -7.54 0.78 -54.68
CA ASN G 74 -7.11 1.50 -55.87
C ASN G 74 -6.06 0.74 -56.68
N LEU G 75 -5.57 -0.35 -56.10
CA LEU G 75 -4.73 -1.29 -56.83
C LEU G 75 -5.64 -2.30 -57.52
N LYS G 76 -6.82 -2.49 -56.94
CA LYS G 76 -7.77 -3.47 -57.44
C LYS G 76 -8.49 -2.98 -58.69
N ASP G 77 -8.99 -1.75 -58.65
CA ASP G 77 -9.68 -1.13 -59.79
C ASP G 77 -8.78 -1.08 -61.03
N LEU G 78 -7.48 -1.26 -60.80
CA LEU G 78 -6.50 -1.27 -61.87
C LEU G 78 -5.90 -2.67 -62.02
N GLY G 79 -6.68 -3.59 -62.57
CA GLY G 79 -6.24 -4.95 -62.81
C GLY G 79 -5.55 -5.59 -61.61
N SER H 2 28.41 16.94 22.76
CA SER H 2 27.46 16.22 23.59
C SER H 2 27.03 14.91 22.91
N HIS H 3 26.86 13.86 23.72
CA HIS H 3 26.39 12.58 23.20
C HIS H 3 24.89 12.37 23.44
N MET H 4 24.22 13.42 23.93
CA MET H 4 22.77 13.40 24.12
C MET H 4 22.05 14.14 23.00
N ALA H 5 22.78 15.02 22.32
CA ALA H 5 22.27 15.71 21.14
C ALA H 5 22.83 15.07 19.87
N ARG H 6 23.78 14.15 20.07
CA ARG H 6 24.37 13.37 18.99
C ARG H 6 23.51 12.14 18.71
N GLU H 7 23.12 11.44 19.77
CA GLU H 7 22.22 10.30 19.66
C GLU H 7 20.80 10.78 19.41
N ASN H 8 20.54 12.06 19.70
CA ASN H 8 19.23 12.65 19.45
C ASN H 8 19.12 13.20 18.03
N GLU H 9 20.28 13.38 17.39
CA GLU H 9 20.33 13.84 16.01
C GLU H 9 20.27 12.67 15.03
N MET H 10 21.13 11.68 15.23
CA MET H 10 21.21 10.53 14.33
C MET H 10 19.96 9.66 14.42
N ASP H 11 19.26 9.73 15.55
CA ASP H 11 18.00 9.03 15.71
C ASP H 11 16.88 9.96 15.25
N GLU H 12 17.28 11.06 14.64
CA GLU H 12 16.35 12.06 14.14
C GLU H 12 16.47 12.19 12.63
N ASN H 13 17.71 12.23 12.13
CA ASN H 13 17.93 12.22 10.69
C ASN H 13 17.83 10.80 10.15
N LEU H 14 17.61 9.85 11.06
CA LEU H 14 17.39 8.45 10.68
C LEU H 14 15.90 8.20 10.60
N GLU H 15 15.13 9.11 11.20
CA GLU H 15 13.68 9.09 11.05
C GLU H 15 13.34 9.30 9.58
N GLN H 16 14.08 10.19 8.95
CA GLN H 16 13.91 10.48 7.52
C GLN H 16 14.32 9.28 6.69
N VAL H 17 15.47 8.71 7.01
CA VAL H 17 15.95 7.54 6.29
C VAL H 17 14.83 6.51 6.15
N SER H 18 14.18 6.20 7.27
CA SER H 18 13.09 5.22 7.26
C SER H 18 11.90 5.75 6.48
N GLY H 19 11.74 7.08 6.47
CA GLY H 19 10.63 7.70 5.78
C GLY H 19 10.73 7.63 4.27
N ILE H 20 11.84 8.12 3.73
CA ILE H 20 12.02 8.19 2.29
C ILE H 20 11.96 6.82 1.64
N ILE H 21 12.41 5.80 2.38
CA ILE H 21 12.36 4.44 1.88
C ILE H 21 10.91 3.93 1.91
N GLY H 22 10.02 4.75 2.44
CA GLY H 22 8.60 4.52 2.32
C GLY H 22 8.13 5.07 0.99
N ASN H 23 8.82 6.12 0.55
CA ASN H 23 8.59 6.67 -0.78
C ASN H 23 9.14 5.73 -1.83
N LEU H 24 10.43 5.42 -1.72
CA LEU H 24 11.06 4.48 -2.65
C LEU H 24 10.22 3.24 -2.85
N ARG H 25 9.69 2.68 -1.76
CA ARG H 25 8.84 1.50 -1.86
C ARG H 25 7.69 1.78 -2.82
N HIS H 26 7.02 2.91 -2.63
CA HIS H 26 5.91 3.28 -3.49
C HIS H 26 6.39 3.42 -4.94
N MET H 27 7.23 4.42 -5.20
CA MET H 27 7.79 4.62 -6.54
C MET H 27 8.11 3.29 -7.20
N ALA H 28 8.68 2.40 -6.41
CA ALA H 28 9.08 1.08 -6.91
C ALA H 28 7.96 0.43 -7.69
N LEU H 29 6.79 0.34 -7.06
CA LEU H 29 5.65 -0.32 -7.68
C LEU H 29 5.07 0.46 -8.86
N ASP H 30 4.68 1.71 -8.63
CA ASP H 30 4.10 2.54 -9.69
C ASP H 30 4.94 2.44 -10.96
N MET H 31 6.25 2.55 -10.80
CA MET H 31 7.20 2.40 -11.89
C MET H 31 7.11 1.00 -12.48
N GLY H 32 7.12 0.00 -11.60
CA GLY H 32 7.07 -1.39 -12.01
C GLY H 32 5.88 -1.75 -12.87
N ASN H 33 4.69 -1.26 -12.50
CA ASN H 33 3.48 -1.57 -13.26
C ASN H 33 3.41 -0.87 -14.61
N GLU H 34 3.73 0.42 -14.63
CA GLU H 34 3.72 1.19 -15.86
C GLU H 34 4.51 0.47 -16.94
N ILE H 35 5.72 0.04 -16.57
CA ILE H 35 6.57 -0.73 -17.46
C ILE H 35 5.87 -1.93 -18.09
N ASP H 36 5.18 -2.71 -17.27
CA ASP H 36 4.48 -3.88 -17.77
C ASP H 36 3.32 -3.50 -18.66
N THR H 37 2.87 -2.26 -18.52
CA THR H 37 1.85 -1.73 -19.41
C THR H 37 2.49 -1.40 -20.76
N GLN H 38 3.67 -0.75 -20.71
CA GLN H 38 4.38 -0.38 -21.93
C GLN H 38 4.90 -1.59 -22.70
N ASN H 39 5.50 -2.53 -21.97
CA ASN H 39 5.96 -3.78 -22.57
C ASN H 39 4.82 -4.49 -23.27
N ARG H 40 3.67 -4.58 -22.62
CA ARG H 40 2.51 -5.17 -23.24
C ARG H 40 2.19 -4.42 -24.52
N GLN H 41 2.27 -3.10 -24.44
CA GLN H 41 1.99 -2.23 -25.58
C GLN H 41 2.96 -2.48 -26.72
N ILE H 42 4.25 -2.38 -26.42
CA ILE H 42 5.26 -2.65 -27.43
C ILE H 42 4.99 -4.00 -28.10
N ASP H 43 4.71 -5.02 -27.30
CA ASP H 43 4.38 -6.33 -27.85
C ASP H 43 3.27 -6.18 -28.87
N ARG H 44 2.28 -5.37 -28.53
CA ARG H 44 1.17 -5.10 -29.44
C ARG H 44 1.64 -4.43 -30.73
N ILE H 45 2.41 -3.35 -30.62
CA ILE H 45 2.84 -2.58 -31.79
C ILE H 45 3.59 -3.43 -32.82
N MET H 46 4.35 -4.41 -32.35
CA MET H 46 5.09 -5.26 -33.27
C MET H 46 4.20 -6.18 -34.09
N GLU H 47 3.14 -6.71 -33.48
CA GLU H 47 2.23 -7.57 -34.20
C GLU H 47 1.50 -6.79 -35.28
N LYS H 48 1.29 -5.50 -35.04
CA LYS H 48 0.65 -4.63 -36.01
C LYS H 48 1.66 -4.12 -37.05
N ALA H 49 2.93 -4.16 -36.69
CA ALA H 49 3.98 -3.72 -37.60
C ALA H 49 4.24 -4.81 -38.64
N ASP H 50 4.21 -6.06 -38.19
CA ASP H 50 4.47 -7.19 -39.08
C ASP H 50 3.35 -7.39 -40.09
N SER H 51 2.15 -6.91 -39.75
CA SER H 51 1.03 -6.96 -40.69
C SER H 51 1.14 -5.80 -41.68
N ASN H 52 1.99 -4.84 -41.34
CA ASN H 52 2.20 -3.67 -42.18
C ASN H 52 3.41 -3.79 -43.10
N LYS H 53 4.39 -4.60 -42.71
CA LYS H 53 5.56 -4.83 -43.56
C LYS H 53 5.28 -5.96 -44.55
N THR H 54 4.15 -6.63 -44.36
CA THR H 54 3.74 -7.71 -45.27
C THR H 54 2.69 -7.20 -46.25
N ARG H 55 2.07 -6.08 -45.90
CA ARG H 55 1.10 -5.44 -46.78
C ARG H 55 1.78 -4.41 -47.69
N ILE H 56 2.95 -3.93 -47.25
CA ILE H 56 3.78 -3.06 -48.07
C ILE H 56 4.56 -3.90 -49.09
N ASP H 57 5.15 -5.01 -48.62
CA ASP H 57 5.92 -5.90 -49.48
C ASP H 57 5.02 -6.65 -50.45
N GLU H 58 3.78 -6.89 -50.03
CA GLU H 58 2.80 -7.50 -50.91
C GLU H 58 2.45 -6.55 -52.05
N ALA H 59 2.31 -5.28 -51.71
CA ALA H 59 1.91 -4.26 -52.67
C ALA H 59 3.09 -3.67 -53.44
N ASN H 60 4.29 -3.80 -52.89
CA ASN H 60 5.50 -3.29 -53.53
C ASN H 60 6.04 -4.27 -54.56
N GLN H 61 5.55 -5.50 -54.52
CA GLN H 61 5.83 -6.49 -55.56
C GLN H 61 4.65 -6.54 -56.52
N ARG H 62 3.70 -5.65 -56.32
CA ARG H 62 2.59 -5.47 -57.25
C ARG H 62 2.83 -4.26 -58.14
N ALA H 63 4.04 -3.70 -58.06
CA ALA H 63 4.41 -2.56 -58.89
C ALA H 63 5.06 -3.01 -60.19
N THR H 64 5.82 -4.10 -60.11
CA THR H 64 6.49 -4.68 -61.27
C THR H 64 5.50 -5.33 -62.24
#